data_4YKB
#
_entry.id   4YKB
#
_cell.length_a   114.998
_cell.length_b   114.998
_cell.length_c   141.193
_cell.angle_alpha   90.00
_cell.angle_beta   90.00
_cell.angle_gamma   120.00
#
_symmetry.space_group_name_H-M   'P 32 2 1'
#
_entity_poly.entity_id   1
_entity_poly.type   'polypeptide(L)'
_entity_poly.pdbx_seq_one_letter_code
;MGSSHHHHHHSSGLVPRGSHMAGKLDSVSLFGGDTASLMGGSQTVEKKKSGKEAVMEVQLSSTAGIDYTVLRDHLANGEF
REAEDETRALLIKLAGPEAVKRNWVYFTEVKNISVTDFQTLDNLWKASSNNKFGYSVQKEIWVQNQKRWPKFFKQIDWTQ
GENNNYRKWPMEFIYSMDAPRGHLPLTNALRGTQLFQAIMEHPAFEKSSTAKTLDQKAAEAAGRTQSLF
;
_entity_poly.pdbx_strand_id   A,B,C,D,E,F
#
# COMPACT_ATOMS: atom_id res chain seq x y z
N SER A 50 -9.35 -29.43 21.14
CA SER A 50 -8.30 -28.70 21.94
C SER A 50 -8.41 -27.17 21.89
N GLY A 51 -8.85 -26.63 20.75
CA GLY A 51 -9.32 -25.24 20.59
C GLY A 51 -8.26 -24.16 20.76
N LYS A 52 -7.96 -23.89 22.02
CA LYS A 52 -6.92 -22.92 22.42
C LYS A 52 -5.55 -23.44 22.17
N GLU A 53 -5.41 -24.76 22.28
CA GLU A 53 -4.13 -25.44 22.14
C GLU A 53 -3.76 -25.50 20.70
N ALA A 54 -4.76 -25.62 19.83
CA ALA A 54 -4.54 -25.70 18.38
C ALA A 54 -3.91 -24.43 17.82
N VAL A 55 -4.35 -23.28 18.32
CA VAL A 55 -3.89 -21.99 17.85
C VAL A 55 -2.40 -21.88 18.15
N MET A 56 -1.98 -22.47 19.25
CA MET A 56 -0.59 -22.42 19.65
C MET A 56 0.34 -23.26 18.77
N GLU A 57 -0.15 -24.39 18.27
CA GLU A 57 0.64 -25.30 17.45
C GLU A 57 1.09 -24.67 16.14
N VAL A 58 0.32 -23.71 15.62
CA VAL A 58 0.57 -23.10 14.29
C VAL A 58 1.93 -22.37 14.22
N GLN A 59 2.68 -22.60 13.14
CA GLN A 59 3.96 -21.94 12.94
C GLN A 59 3.66 -20.55 12.38
N LEU A 60 4.31 -19.54 12.95
CA LEU A 60 3.99 -18.13 12.70
C LEU A 60 5.03 -17.53 11.77
N SER A 61 4.76 -17.53 10.47
CA SER A 61 5.76 -17.12 9.49
C SER A 61 5.27 -16.01 8.57
N SER A 62 6.23 -15.20 8.09
CA SER A 62 5.96 -13.94 7.40
C SER A 62 7.10 -13.66 6.45
N THR A 63 6.76 -13.16 5.27
CA THR A 63 7.77 -12.61 4.38
C THR A 63 8.14 -11.19 4.78
N ALA A 64 7.32 -10.51 5.58
CA ALA A 64 7.48 -9.07 5.80
C ALA A 64 7.68 -8.66 7.26
N GLY A 65 8.27 -9.56 8.05
CA GLY A 65 8.62 -9.27 9.44
C GLY A 65 7.45 -8.90 10.34
N ILE A 66 6.30 -9.53 10.08
CA ILE A 66 5.04 -9.21 10.78
C ILE A 66 4.88 -10.14 11.96
N ASP A 67 4.64 -9.56 13.14
CA ASP A 67 4.60 -10.27 14.41
C ASP A 67 3.16 -10.65 14.76
N TYR A 68 2.81 -11.90 14.44
CA TYR A 68 1.44 -12.37 14.58
C TYR A 68 1.05 -12.74 16.02
N THR A 69 1.97 -12.59 16.97
CA THR A 69 1.72 -13.02 18.35
C THR A 69 0.47 -12.41 18.98
N VAL A 70 0.22 -11.13 18.71
CA VAL A 70 -0.85 -10.43 19.38
C VAL A 70 -2.15 -11.05 18.96
N LEU A 71 -2.30 -11.18 17.64
CA LEU A 71 -3.43 -11.89 17.06
C LEU A 71 -3.53 -13.28 17.65
N ARG A 72 -2.42 -14.01 17.59
CA ARG A 72 -2.37 -15.39 18.06
C ARG A 72 -2.89 -15.47 19.48
N ASP A 73 -2.44 -14.55 20.31
CA ASP A 73 -2.82 -14.55 21.72
C ASP A 73 -4.28 -14.23 21.90
N HIS A 74 -4.81 -13.32 21.09
CA HIS A 74 -6.25 -13.05 21.10
C HIS A 74 -7.01 -14.28 20.67
N LEU A 75 -6.62 -14.84 19.53
CA LEU A 75 -7.33 -15.97 18.90
C LEU A 75 -7.32 -17.20 19.78
N ALA A 76 -6.21 -17.41 20.47
CA ALA A 76 -6.06 -18.52 21.41
C ALA A 76 -7.01 -18.38 22.58
N ASN A 77 -6.97 -17.23 23.22
CA ASN A 77 -7.79 -16.98 24.41
C ASN A 77 -9.27 -16.74 24.09
N GLY A 78 -9.63 -16.71 22.79
CA GLY A 78 -11.03 -16.66 22.36
C GLY A 78 -11.56 -15.24 22.28
N GLU A 79 -10.69 -14.33 21.86
CA GLU A 79 -10.94 -12.90 21.92
C GLU A 79 -11.14 -12.42 20.49
N PHE A 80 -12.23 -12.90 19.88
CA PHE A 80 -12.46 -12.78 18.45
C PHE A 80 -12.63 -11.34 17.96
N ARG A 81 -13.31 -10.52 18.74
CA ARG A 81 -13.48 -9.14 18.41
C ARG A 81 -12.13 -8.46 18.21
N GLU A 82 -11.24 -8.64 19.20
CA GLU A 82 -9.90 -8.02 19.16
C GLU A 82 -9.07 -8.60 18.06
N ALA A 83 -9.23 -9.90 17.86
CA ALA A 83 -8.51 -10.61 16.80
C ALA A 83 -8.88 -10.10 15.43
N GLU A 84 -10.17 -9.81 15.25
CA GLU A 84 -10.66 -9.25 14.00
C GLU A 84 -9.98 -7.91 13.77
N ASP A 85 -10.04 -7.04 14.76
CA ASP A 85 -9.38 -5.75 14.68
C ASP A 85 -7.89 -5.88 14.38
N GLU A 86 -7.20 -6.79 15.08
CA GLU A 86 -5.76 -7.02 14.79
C GLU A 86 -5.58 -7.47 13.33
N THR A 87 -6.34 -8.47 12.91
CA THR A 87 -6.32 -8.93 11.52
C THR A 87 -6.36 -7.78 10.53
N ARG A 88 -7.33 -6.88 10.68
CA ARG A 88 -7.47 -5.73 9.75
C ARG A 88 -6.19 -4.92 9.71
N ALA A 89 -5.70 -4.59 10.90
CA ALA A 89 -4.47 -3.80 11.05
C ALA A 89 -3.26 -4.41 10.38
N LEU A 90 -3.15 -5.72 10.44
CA LEU A 90 -2.04 -6.38 9.79
C LEU A 90 -2.19 -6.33 8.29
N LEU A 91 -3.39 -6.62 7.80
CA LEU A 91 -3.67 -6.58 6.36
C LEU A 91 -3.27 -5.20 5.82
N ILE A 92 -3.47 -4.15 6.61
CA ILE A 92 -3.05 -2.80 6.22
C ILE A 92 -1.53 -2.69 6.15
N LYS A 93 -0.86 -3.03 7.25
CA LYS A 93 0.62 -3.04 7.31
C LYS A 93 1.20 -3.88 6.14
N LEU A 94 0.61 -5.05 5.90
CA LEU A 94 1.01 -5.95 4.81
C LEU A 94 0.90 -5.37 3.39
N ALA A 95 -0.09 -4.52 3.20
CA ALA A 95 -0.36 -3.96 1.88
C ALA A 95 0.65 -2.90 1.48
N GLY A 96 1.52 -2.51 2.42
CA GLY A 96 2.60 -1.63 2.09
C GLY A 96 2.32 -0.20 2.52
N PRO A 97 3.33 0.68 2.37
CA PRO A 97 3.38 2.00 3.01
C PRO A 97 2.25 2.96 2.65
N GLU A 98 1.86 2.99 1.37
CA GLU A 98 0.77 3.84 0.94
C GLU A 98 -0.51 3.44 1.69
N ALA A 99 -0.76 2.12 1.74
CA ALA A 99 -1.93 1.57 2.45
C ALA A 99 -1.98 2.00 3.90
N VAL A 100 -0.82 1.96 4.56
CA VAL A 100 -0.67 2.28 5.98
C VAL A 100 -0.90 3.77 6.25
N LYS A 101 -0.38 4.60 5.34
CA LYS A 101 -0.49 6.05 5.39
C LYS A 101 -1.96 6.51 5.45
N ARG A 102 -2.75 6.02 4.50
CA ARG A 102 -4.18 6.33 4.45
C ARG A 102 -5.06 5.43 5.33
N ASN A 103 -4.56 4.24 5.65
CA ASN A 103 -5.17 3.37 6.67
C ASN A 103 -6.38 2.51 6.23
N TRP A 104 -6.66 2.41 4.94
CA TRP A 104 -7.47 1.31 4.39
C TRP A 104 -6.68 0.70 3.24
N VAL A 105 -7.24 -0.32 2.60
CA VAL A 105 -6.54 -1.06 1.53
C VAL A 105 -7.31 -0.95 0.23
N TYR A 106 -6.59 -0.71 -0.87
CA TYR A 106 -7.22 -0.72 -2.21
C TYR A 106 -7.05 -2.13 -2.76
N PHE A 107 -8.13 -2.66 -3.35
CA PHE A 107 -8.16 -4.03 -3.91
C PHE A 107 -6.91 -4.40 -4.70
N THR A 108 -6.41 -3.42 -5.43
CA THR A 108 -5.16 -3.49 -6.18
C THR A 108 -3.96 -3.99 -5.37
N GLU A 109 -3.88 -3.50 -4.14
CA GLU A 109 -2.73 -3.78 -3.27
C GLU A 109 -2.68 -5.17 -2.67
N VAL A 110 -3.78 -5.92 -2.72
CA VAL A 110 -3.78 -7.31 -2.23
C VAL A 110 -2.74 -8.15 -2.95
N LYS A 111 -2.59 -7.91 -4.26
CA LYS A 111 -1.45 -8.41 -5.05
C LYS A 111 -0.10 -8.39 -4.30
N ASN A 112 0.18 -7.26 -3.63
CA ASN A 112 1.40 -7.08 -2.82
C ASN A 112 1.57 -8.03 -1.64
N ILE A 113 0.47 -8.50 -1.06
CA ILE A 113 0.52 -9.33 0.14
C ILE A 113 0.95 -10.74 -0.25
N SER A 114 1.87 -11.31 0.54
CA SER A 114 2.48 -12.57 0.17
C SER A 114 1.58 -13.73 0.51
N VAL A 115 1.84 -14.84 -0.18
CA VAL A 115 1.15 -16.08 0.07
C VAL A 115 1.29 -16.47 1.54
N THR A 116 2.54 -16.45 2.01
CA THR A 116 2.87 -16.95 3.34
C THR A 116 2.05 -16.22 4.41
N ASP A 117 2.05 -14.89 4.31
CA ASP A 117 1.42 -14.03 5.31
C ASP A 117 -0.04 -14.33 5.37
N PHE A 118 -0.67 -14.38 4.21
CA PHE A 118 -2.07 -14.77 4.13
C PHE A 118 -2.34 -16.13 4.69
N GLN A 119 -1.54 -17.09 4.25
CA GLN A 119 -1.67 -18.45 4.76
C GLN A 119 -1.56 -18.50 6.28
N THR A 120 -0.65 -17.70 6.84
CA THR A 120 -0.46 -17.66 8.28
C THR A 120 -1.75 -17.19 8.96
N LEU A 121 -2.29 -16.08 8.48
CA LEU A 121 -3.53 -15.54 9.01
C LEU A 121 -4.62 -16.61 8.98
N ASP A 122 -4.79 -17.19 7.80
CA ASP A 122 -5.81 -18.17 7.54
C ASP A 122 -5.64 -19.38 8.46
N ASN A 123 -4.41 -19.88 8.53
CA ASN A 123 -4.07 -20.98 9.45
C ASN A 123 -4.54 -20.69 10.87
N LEU A 124 -4.23 -19.49 11.36
CA LEU A 124 -4.62 -19.08 12.73
C LEU A 124 -6.11 -18.97 12.90
N TRP A 125 -6.76 -18.29 11.99
CA TRP A 125 -8.22 -18.20 12.05
C TRP A 125 -8.89 -19.59 11.96
N LYS A 126 -8.40 -20.44 11.06
CA LYS A 126 -8.89 -21.79 10.93
C LYS A 126 -8.63 -22.51 12.24
N ALA A 127 -7.44 -22.34 12.78
CA ALA A 127 -7.04 -23.03 14.03
C ALA A 127 -7.87 -22.65 15.22
N SER A 128 -8.25 -21.39 15.30
CA SER A 128 -8.99 -20.89 16.43
C SER A 128 -10.46 -21.29 16.42
N SER A 129 -10.91 -21.92 15.35
CA SER A 129 -12.33 -22.00 15.07
C SER A 129 -12.85 -23.39 14.71
N ASN A 130 -12.11 -24.46 15.05
CA ASN A 130 -12.37 -25.81 14.52
C ASN A 130 -12.56 -25.78 13.01
N ASN A 131 -11.71 -25.00 12.34
CA ASN A 131 -11.76 -24.76 10.90
C ASN A 131 -13.09 -24.14 10.36
N LYS A 132 -13.83 -23.44 11.22
CA LYS A 132 -15.04 -22.70 10.79
C LYS A 132 -14.75 -21.32 10.20
N PHE A 133 -13.64 -20.70 10.60
CA PHE A 133 -13.29 -19.32 10.20
C PHE A 133 -12.04 -19.31 9.36
N GLY A 134 -11.90 -18.28 8.54
CA GLY A 134 -10.75 -18.15 7.66
C GLY A 134 -11.11 -17.67 6.26
N TYR A 135 -10.13 -17.09 5.58
CA TYR A 135 -10.29 -16.60 4.23
C TYR A 135 -10.58 -17.74 3.28
N SER A 136 -9.82 -18.82 3.43
CA SER A 136 -9.99 -20.04 2.61
C SER A 136 -11.40 -20.62 2.76
N VAL A 137 -11.90 -20.63 3.99
CA VAL A 137 -13.23 -21.11 4.25
C VAL A 137 -14.18 -20.25 3.46
N GLN A 138 -13.99 -18.94 3.58
CA GLN A 138 -14.82 -17.97 2.86
C GLN A 138 -14.83 -18.23 1.34
N LYS A 139 -13.65 -18.47 0.76
CA LYS A 139 -13.57 -18.82 -0.66
C LYS A 139 -14.46 -20.04 -0.89
N GLU A 140 -14.27 -21.13 -0.15
CA GLU A 140 -15.09 -22.34 -0.31
C GLU A 140 -16.58 -21.99 -0.37
N ILE A 141 -17.09 -21.32 0.68
CA ILE A 141 -18.50 -20.95 0.75
C ILE A 141 -18.95 -20.06 -0.43
N TRP A 142 -18.05 -19.21 -0.93
CA TRP A 142 -18.33 -18.32 -2.09
C TRP A 142 -18.43 -19.12 -3.37
N VAL A 143 -17.48 -20.02 -3.56
CA VAL A 143 -17.47 -20.91 -4.72
C VAL A 143 -18.69 -21.82 -4.69
N GLN A 144 -18.99 -22.39 -3.51
CA GLN A 144 -20.18 -23.24 -3.34
C GLN A 144 -21.48 -22.49 -3.69
N ASN A 145 -21.55 -21.18 -3.42
CA ASN A 145 -22.70 -20.34 -3.87
C ASN A 145 -22.51 -19.73 -5.29
N GLN A 146 -21.78 -20.43 -6.18
CA GLN A 146 -21.67 -20.06 -7.61
C GLN A 146 -21.11 -18.64 -7.83
N LYS A 147 -20.14 -18.25 -7.00
CA LYS A 147 -19.59 -16.86 -6.94
C LYS A 147 -20.66 -15.76 -6.88
N ARG A 148 -21.87 -16.11 -6.44
CA ARG A 148 -23.03 -15.23 -6.45
C ARG A 148 -23.11 -14.50 -5.07
N TRP A 149 -22.71 -13.22 -5.06
CA TRP A 149 -22.44 -12.49 -3.81
C TRP A 149 -23.53 -12.50 -2.71
N PRO A 150 -24.77 -12.09 -3.04
CA PRO A 150 -25.76 -11.97 -1.96
C PRO A 150 -26.24 -13.33 -1.42
N LYS A 151 -26.19 -14.38 -2.25
CA LYS A 151 -26.35 -15.76 -1.76
C LYS A 151 -25.33 -16.04 -0.65
N PHE A 152 -24.07 -15.82 -1.00
CA PHE A 152 -22.94 -15.96 -0.09
C PHE A 152 -23.10 -15.15 1.22
N PHE A 153 -23.39 -13.86 1.09
CA PHE A 153 -23.53 -12.95 2.24
C PHE A 153 -24.59 -13.46 3.22
N LYS A 154 -25.64 -14.04 2.66
CA LYS A 154 -26.70 -14.70 3.44
C LYS A 154 -26.20 -15.97 4.11
N GLN A 155 -25.44 -16.80 3.37
CA GLN A 155 -24.87 -18.03 3.94
C GLN A 155 -23.82 -17.77 5.04
N ILE A 156 -23.24 -16.58 5.04
CA ILE A 156 -22.24 -16.18 6.01
C ILE A 156 -22.85 -15.38 7.19
N ASP A 157 -24.16 -15.17 7.17
CA ASP A 157 -24.91 -14.47 8.25
C ASP A 157 -24.46 -13.03 8.43
N TRP A 158 -24.07 -12.41 7.32
CA TRP A 158 -23.75 -10.98 7.29
C TRP A 158 -25.01 -10.16 6.98
N THR A 159 -26.17 -10.82 6.87
CA THR A 159 -27.44 -10.19 6.48
C THR A 159 -28.57 -10.47 7.53
N GLN A 160 -28.62 -11.72 8.01
CA GLN A 160 -29.46 -12.16 9.16
C GLN A 160 -30.29 -11.08 9.89
N ASN A 165 -31.85 -7.26 5.86
CA ASN A 165 -30.95 -6.42 6.64
C ASN A 165 -29.51 -6.63 6.18
N TYR A 166 -28.54 -6.09 6.91
CA TYR A 166 -27.11 -6.16 6.56
C TYR A 166 -26.35 -5.84 7.83
N ARG A 167 -26.03 -6.88 8.57
CA ARG A 167 -25.43 -6.71 9.92
C ARG A 167 -24.51 -5.45 10.10
N LYS A 168 -24.89 -4.56 11.04
CA LYS A 168 -24.15 -3.32 11.29
C LYS A 168 -22.89 -3.58 12.11
N TRP A 169 -21.76 -2.99 11.71
CA TRP A 169 -20.48 -3.19 12.42
C TRP A 169 -20.29 -2.11 13.50
N PRO A 170 -19.70 -2.43 14.65
CA PRO A 170 -19.30 -3.79 15.07
C PRO A 170 -20.26 -4.48 16.05
N MET A 171 -21.29 -3.77 16.50
CA MET A 171 -22.18 -4.29 17.56
C MET A 171 -23.00 -5.49 17.09
N GLU A 172 -23.40 -5.47 15.82
CA GLU A 172 -24.37 -6.43 15.29
C GLU A 172 -23.76 -7.74 14.74
N PHE A 173 -22.43 -7.85 14.75
CA PHE A 173 -21.76 -9.09 14.31
C PHE A 173 -21.57 -10.07 15.45
N ILE A 174 -21.41 -11.34 15.07
CA ILE A 174 -21.13 -12.45 15.99
C ILE A 174 -19.64 -12.81 16.11
N TYR A 175 -19.04 -12.45 17.24
CA TYR A 175 -17.63 -12.72 17.51
C TYR A 175 -17.49 -13.87 18.51
N SER A 176 -17.76 -15.09 18.03
CA SER A 176 -17.70 -16.30 18.87
C SER A 176 -17.77 -17.58 18.06
N MET A 177 -17.51 -18.68 18.72
CA MET A 177 -17.63 -20.00 18.11
C MET A 177 -19.06 -20.40 17.73
N ASP A 178 -20.06 -19.72 18.31
CA ASP A 178 -21.46 -19.85 17.87
C ASP A 178 -21.72 -19.28 16.44
N ALA A 179 -20.79 -18.50 15.87
CA ALA A 179 -20.97 -17.93 14.51
C ALA A 179 -20.92 -19.01 13.42
N PRO A 180 -21.60 -18.79 12.28
CA PRO A 180 -21.60 -19.77 11.19
C PRO A 180 -20.24 -19.90 10.50
N ARG A 181 -20.04 -21.03 9.83
CA ARG A 181 -18.80 -21.29 9.09
C ARG A 181 -18.64 -20.15 8.08
N GLY A 182 -17.46 -19.52 8.09
CA GLY A 182 -17.16 -18.43 7.18
C GLY A 182 -17.55 -17.03 7.64
N HIS A 183 -18.20 -16.92 8.81
CA HIS A 183 -18.60 -15.63 9.35
C HIS A 183 -17.43 -14.68 9.63
N LEU A 184 -16.26 -15.22 9.99
CA LEU A 184 -15.06 -14.41 10.26
C LEU A 184 -13.86 -14.90 9.47
N PRO A 185 -12.88 -14.03 9.24
CA PRO A 185 -12.90 -12.61 9.61
C PRO A 185 -13.71 -11.74 8.63
N LEU A 186 -13.70 -10.42 8.85
CA LEU A 186 -14.45 -9.47 8.00
C LEU A 186 -13.55 -8.75 7.00
N THR A 187 -14.15 -7.96 6.11
CA THR A 187 -13.44 -7.29 5.04
C THR A 187 -14.29 -6.18 4.38
N ASN A 188 -14.89 -5.33 5.20
CA ASN A 188 -15.88 -4.36 4.66
C ASN A 188 -15.33 -2.95 4.48
N GLY A 192 -17.01 -0.80 -1.40
CA GLY A 192 -17.69 -1.80 -2.24
C GLY A 192 -17.37 -3.27 -1.90
N THR A 193 -16.89 -4.07 -2.87
CA THR A 193 -16.79 -5.58 -2.76
C THR A 193 -15.59 -6.25 -3.54
N GLN A 194 -14.92 -5.51 -4.44
CA GLN A 194 -13.72 -5.96 -5.15
C GLN A 194 -12.57 -6.37 -4.25
N LEU A 195 -12.41 -5.66 -3.14
CA LEU A 195 -11.40 -5.97 -2.13
C LEU A 195 -11.48 -7.42 -1.72
N PHE A 196 -12.60 -7.73 -1.08
CA PHE A 196 -12.83 -9.07 -0.53
C PHE A 196 -12.66 -10.14 -1.60
N GLN A 197 -13.14 -9.85 -2.80
CA GLN A 197 -12.91 -10.74 -3.92
C GLN A 197 -11.43 -11.02 -4.12
N ALA A 198 -10.65 -9.95 -4.21
CA ALA A 198 -9.21 -10.04 -4.48
C ALA A 198 -8.51 -10.92 -3.49
N ILE A 199 -8.94 -10.82 -2.24
CA ILE A 199 -8.44 -11.68 -1.19
C ILE A 199 -8.66 -13.12 -1.60
N MET A 200 -9.90 -13.51 -1.90
CA MET A 200 -10.22 -14.93 -2.10
C MET A 200 -9.62 -15.46 -3.41
N GLU A 201 -9.66 -14.61 -4.42
CA GLU A 201 -8.97 -14.92 -5.68
C GLU A 201 -7.46 -14.98 -5.53
N HIS A 202 -6.91 -14.38 -4.48
CA HIS A 202 -5.47 -14.48 -4.13
C HIS A 202 -4.96 -15.93 -4.17
N PRO A 203 -3.70 -16.15 -4.60
CA PRO A 203 -3.17 -17.50 -4.75
C PRO A 203 -2.89 -18.26 -3.47
N ALA A 204 -3.11 -17.65 -2.31
CA ALA A 204 -2.74 -18.28 -1.06
C ALA A 204 -3.75 -19.39 -0.80
N PHE A 205 -4.96 -19.23 -1.33
CA PHE A 205 -6.02 -20.20 -1.21
C PHE A 205 -6.33 -20.92 -2.52
N GLU A 206 -5.99 -20.33 -3.67
CA GLU A 206 -6.07 -21.01 -4.97
C GLU A 206 -4.89 -21.93 -5.39
N LYS A 207 -4.83 -23.25 -5.16
CA LYS A 207 -5.62 -24.11 -4.26
C LYS A 207 -7.16 -24.01 -4.28
N LYS B 52 31.69 -0.05 18.95
CA LYS B 52 31.71 -1.52 19.26
C LYS B 52 30.74 -1.78 20.38
N GLU B 53 31.08 -1.22 21.55
CA GLU B 53 30.16 -1.17 22.70
C GLU B 53 29.13 -0.15 22.41
N ALA B 54 29.49 0.90 21.68
CA ALA B 54 28.58 1.98 21.34
C ALA B 54 27.43 1.53 20.46
N VAL B 55 27.74 0.63 19.52
CA VAL B 55 26.74 0.11 18.59
C VAL B 55 25.69 -0.64 19.37
N MET B 56 26.10 -1.28 20.45
CA MET B 56 25.19 -2.06 21.27
C MET B 56 24.21 -1.22 22.09
N GLU B 57 24.67 -0.05 22.53
CA GLU B 57 23.84 0.86 23.34
C GLU B 57 22.60 1.37 22.59
N VAL B 58 22.69 1.47 21.26
CA VAL B 58 21.61 2.08 20.45
C VAL B 58 20.29 1.29 20.55
N GLN B 59 19.19 2.01 20.73
CA GLN B 59 17.87 1.41 20.80
C GLN B 59 17.40 1.16 19.35
N LEU B 60 16.88 -0.05 19.11
CA LEU B 60 16.62 -0.55 17.75
C LEU B 60 15.11 -0.52 17.49
N SER B 61 14.64 0.56 16.87
CA SER B 61 13.19 0.77 16.71
C SER B 61 12.81 1.00 15.27
N SER B 62 11.57 0.62 14.96
CA SER B 62 11.06 0.56 13.59
C SER B 62 9.57 0.80 13.60
N THR B 63 9.07 1.54 12.61
CA THR B 63 7.63 1.60 12.36
C THR B 63 7.14 0.39 11.56
N ALA B 64 8.03 -0.35 10.90
CA ALA B 64 7.63 -1.38 9.94
C ALA B 64 8.11 -2.80 10.26
N GLY B 65 8.29 -3.08 11.55
CA GLY B 65 8.66 -4.43 12.01
C GLY B 65 9.97 -4.97 11.48
N ILE B 66 10.93 -4.07 11.30
CA ILE B 66 12.21 -4.42 10.69
C ILE B 66 13.25 -4.74 11.76
N ASP B 67 13.91 -5.90 11.59
CA ASP B 67 14.84 -6.46 12.56
C ASP B 67 16.28 -6.07 12.26
N TYR B 68 16.74 -5.02 12.93
CA TYR B 68 18.04 -4.43 12.65
C TYR B 68 19.22 -5.18 13.27
N THR B 69 18.95 -6.28 13.97
CA THR B 69 20.00 -7.04 14.67
C THR B 69 21.15 -7.46 13.77
N VAL B 70 20.84 -7.88 12.55
CA VAL B 70 21.86 -8.45 11.68
C VAL B 70 22.87 -7.39 11.33
N LEU B 71 22.34 -6.26 10.89
CA LEU B 71 23.13 -5.06 10.67
C LEU B 71 23.89 -4.70 11.93
N ARG B 72 23.18 -4.59 13.04
CA ARG B 72 23.80 -4.21 14.32
C ARG B 72 24.98 -5.08 14.63
N ASP B 73 24.80 -6.38 14.44
CA ASP B 73 25.83 -7.34 14.76
C ASP B 73 27.02 -7.19 13.82
N HIS B 74 26.76 -6.92 12.55
CA HIS B 74 27.85 -6.65 11.61
C HIS B 74 28.59 -5.40 12.04
N LEU B 75 27.82 -4.32 12.26
CA LEU B 75 28.38 -3.00 12.52
C LEU B 75 29.19 -3.00 13.81
N ALA B 76 28.72 -3.76 14.80
CA ALA B 76 29.39 -3.89 16.08
C ALA B 76 30.73 -4.56 15.91
N ASN B 77 30.71 -5.73 15.26
CA ASN B 77 31.93 -6.52 15.06
C ASN B 77 32.87 -5.94 13.97
N GLY B 78 32.48 -4.84 13.30
CA GLY B 78 33.37 -4.10 12.40
C GLY B 78 33.34 -4.66 11.00
N GLU B 79 32.17 -5.15 10.60
CA GLU B 79 31.99 -5.93 9.39
C GLU B 79 31.26 -5.02 8.38
N PHE B 80 31.94 -3.93 7.99
CA PHE B 80 31.34 -2.83 7.23
C PHE B 80 30.79 -3.22 5.86
N ARG B 81 31.53 -4.08 5.15
CA ARG B 81 31.09 -4.56 3.85
C ARG B 81 29.72 -5.23 3.96
N GLU B 82 29.59 -6.16 4.91
CA GLU B 82 28.34 -6.89 5.11
C GLU B 82 27.25 -5.96 5.60
N ALA B 83 27.64 -5.00 6.45
CA ALA B 83 26.72 -4.00 6.98
C ALA B 83 26.14 -3.11 5.91
N GLU B 84 26.98 -2.74 4.96
CA GLU B 84 26.54 -1.98 3.80
C GLU B 84 25.49 -2.75 3.05
N ASP B 85 25.81 -3.99 2.72
CA ASP B 85 24.88 -4.85 2.01
C ASP B 85 23.58 -4.97 2.76
N GLU B 86 23.65 -5.18 4.07
CA GLU B 86 22.43 -5.29 4.88
C GLU B 86 21.64 -3.99 4.79
N THR B 87 22.31 -2.87 5.04
CA THR B 87 21.69 -1.56 4.91
C THR B 87 20.89 -1.44 3.61
N ARG B 88 21.50 -1.73 2.46
CA ARG B 88 20.82 -1.59 1.15
C ARG B 88 19.54 -2.43 1.16
N ALA B 89 19.67 -3.69 1.59
CA ALA B 89 18.56 -4.64 1.64
C ALA B 89 17.40 -4.13 2.46
N LEU B 90 17.71 -3.47 3.56
CA LEU B 90 16.66 -2.96 4.45
C LEU B 90 15.95 -1.78 3.80
N LEU B 91 16.74 -0.85 3.26
CA LEU B 91 16.20 0.29 2.54
C LEU B 91 15.23 -0.18 1.45
N ILE B 92 15.53 -1.32 0.81
CA ILE B 92 14.63 -1.92 -0.17
C ILE B 92 13.32 -2.40 0.48
N LYS B 93 13.46 -3.27 1.48
CA LYS B 93 12.31 -3.75 2.27
C LYS B 93 11.45 -2.58 2.80
N LEU B 94 12.11 -1.57 3.35
CA LEU B 94 11.45 -0.36 3.85
C LEU B 94 10.64 0.44 2.82
N ALA B 95 11.10 0.42 1.58
CA ALA B 95 10.47 1.20 0.51
C ALA B 95 9.16 0.58 0.02
N GLY B 96 8.86 -0.63 0.48
CA GLY B 96 7.57 -1.23 0.19
C GLY B 96 7.66 -2.26 -0.92
N PRO B 97 6.53 -2.95 -1.16
CA PRO B 97 6.49 -4.20 -1.94
C PRO B 97 6.96 -4.08 -3.37
N GLU B 98 6.60 -2.99 -4.04
CA GLU B 98 7.02 -2.77 -5.43
C GLU B 98 8.55 -2.70 -5.49
N ALA B 99 9.13 -1.95 -4.56
CA ALA B 99 10.58 -1.81 -4.44
C ALA B 99 11.26 -3.15 -4.29
N VAL B 100 10.69 -4.01 -3.45
CA VAL B 100 11.26 -5.34 -3.17
C VAL B 100 11.21 -6.24 -4.36
N LYS B 101 10.08 -6.18 -5.05
CA LYS B 101 9.80 -7.02 -6.20
C LYS B 101 10.90 -6.83 -7.26
N ARG B 102 11.17 -5.58 -7.59
CA ARG B 102 12.21 -5.26 -8.57
C ARG B 102 13.59 -5.13 -7.98
N ASN B 103 13.68 -4.88 -6.67
CA ASN B 103 14.94 -4.98 -5.90
C ASN B 103 15.93 -3.80 -5.98
N TRP B 104 15.49 -2.66 -6.52
CA TRP B 104 16.15 -1.38 -6.25
C TRP B 104 15.05 -0.42 -5.79
N VAL B 105 15.43 0.82 -5.51
CA VAL B 105 14.49 1.80 -4.98
C VAL B 105 14.39 2.98 -5.94
N TYR B 106 13.17 3.46 -6.16
CA TYR B 106 12.95 4.68 -6.93
C TYR B 106 12.91 5.85 -5.97
N PHE B 107 13.59 6.94 -6.32
CA PHE B 107 13.67 8.11 -5.47
C PHE B 107 12.34 8.55 -4.84
N THR B 108 11.28 8.40 -5.63
CA THR B 108 9.89 8.64 -5.19
C THR B 108 9.50 7.91 -3.91
N GLU B 109 9.98 6.69 -3.80
CA GLU B 109 9.60 5.81 -2.70
C GLU B 109 10.25 6.12 -1.35
N VAL B 110 11.31 6.92 -1.34
CA VAL B 110 11.94 7.30 -0.08
C VAL B 110 10.93 7.98 0.84
N LYS B 111 10.04 8.79 0.25
CA LYS B 111 8.86 9.36 0.98
C LYS B 111 8.21 8.34 1.90
N ASN B 112 8.02 7.11 1.39
CA ASN B 112 7.44 5.97 2.15
C ASN B 112 8.17 5.54 3.42
N ILE B 113 9.49 5.73 3.45
CA ILE B 113 10.33 5.27 4.58
C ILE B 113 10.19 6.22 5.76
N SER B 114 10.03 5.66 6.96
CA SER B 114 9.68 6.46 8.11
C SER B 114 10.90 7.15 8.65
N VAL B 115 10.63 8.19 9.41
CA VAL B 115 11.67 8.90 10.15
C VAL B 115 12.44 7.95 11.07
N THR B 116 11.68 7.20 11.87
CA THR B 116 12.25 6.33 12.89
C THR B 116 13.26 5.33 12.31
N ASP B 117 12.83 4.65 11.24
CA ASP B 117 13.62 3.63 10.59
C ASP B 117 14.92 4.21 10.08
N PHE B 118 14.83 5.33 9.38
CA PHE B 118 16.03 6.07 8.94
C PHE B 118 16.93 6.50 10.09
N GLN B 119 16.33 7.14 11.08
CA GLN B 119 17.07 7.54 12.26
C GLN B 119 17.79 6.35 12.90
N THR B 120 17.13 5.19 12.94
CA THR B 120 17.74 3.96 13.51
C THR B 120 19.00 3.57 12.73
N LEU B 121 18.86 3.48 11.41
CA LEU B 121 19.99 3.18 10.53
C LEU B 121 21.15 4.14 10.79
N ASP B 122 20.82 5.43 10.73
CA ASP B 122 21.79 6.50 10.90
C ASP B 122 22.48 6.42 12.26
N ASN B 123 21.66 6.28 13.32
CA ASN B 123 22.17 6.07 14.68
C ASN B 123 23.21 4.94 14.75
N LEU B 124 22.88 3.78 14.16
CA LEU B 124 23.80 2.65 14.13
C LEU B 124 25.07 2.95 13.34
N TRP B 125 24.92 3.48 12.14
CA TRP B 125 26.11 3.81 11.33
C TRP B 125 27.00 4.85 12.02
N LYS B 126 26.36 5.87 12.61
CA LYS B 126 27.06 6.89 13.37
C LYS B 126 27.75 6.21 14.55
N ALA B 127 27.03 5.33 15.24
CA ALA B 127 27.56 4.62 16.42
C ALA B 127 28.77 3.74 16.12
N SER B 128 28.76 3.10 14.96
CA SER B 128 29.81 2.18 14.61
C SER B 128 31.09 2.86 14.17
N SER B 129 31.07 4.18 14.02
CA SER B 129 32.08 4.88 13.23
C SER B 129 32.71 6.08 13.92
N ASN B 130 32.60 6.19 15.26
CA ASN B 130 32.91 7.45 15.99
C ASN B 130 32.25 8.65 15.32
N ASN B 131 31.00 8.46 14.89
CA ASN B 131 30.22 9.45 14.16
C ASN B 131 30.81 9.93 12.82
N LYS B 132 31.65 9.10 12.18
CA LYS B 132 32.17 9.38 10.83
C LYS B 132 31.22 8.99 9.71
N PHE B 133 30.37 7.99 9.96
CA PHE B 133 29.50 7.43 8.92
C PHE B 133 28.04 7.67 9.26
N GLY B 134 27.21 7.67 8.23
CA GLY B 134 25.78 7.90 8.39
C GLY B 134 25.20 8.80 7.33
N TYR B 135 23.89 8.70 7.15
CA TYR B 135 23.20 9.54 6.21
C TYR B 135 23.25 11.00 6.60
N SER B 136 23.02 11.26 7.88
CA SER B 136 23.06 12.61 8.44
C SER B 136 24.42 13.27 8.24
N VAL B 137 25.47 12.49 8.44
CA VAL B 137 26.82 12.95 8.19
C VAL B 137 26.94 13.37 6.75
N GLN B 138 26.47 12.49 5.85
CA GLN B 138 26.46 12.75 4.43
C GLN B 138 25.73 14.06 4.08
N LYS B 139 24.56 14.29 4.67
CA LYS B 139 23.85 15.58 4.50
C LYS B 139 24.78 16.72 4.88
N GLU B 140 25.35 16.68 6.09
CA GLU B 140 26.30 17.72 6.54
C GLU B 140 27.39 18.01 5.47
N ILE B 141 28.14 17.00 5.05
CA ILE B 141 29.18 17.17 4.05
C ILE B 141 28.67 17.69 2.70
N TRP B 142 27.45 17.30 2.31
CA TRP B 142 26.80 17.79 1.07
C TRP B 142 26.44 19.27 1.18
N VAL B 143 25.83 19.63 2.30
CA VAL B 143 25.49 21.03 2.57
C VAL B 143 26.76 21.87 2.65
N GLN B 144 27.77 21.39 3.37
CA GLN B 144 29.04 22.10 3.48
C GLN B 144 29.66 22.33 2.09
N ASN B 145 29.46 21.43 1.13
CA ASN B 145 29.91 21.65 -0.27
C ASN B 145 28.86 22.33 -1.15
N GLN B 146 28.03 23.19 -0.56
CA GLN B 146 27.07 24.05 -1.31
C GLN B 146 26.13 23.24 -2.22
N LYS B 147 25.68 22.09 -1.71
CA LYS B 147 24.87 21.08 -2.45
C LYS B 147 25.43 20.71 -3.84
N ARG B 148 26.74 20.92 -4.05
CA ARG B 148 27.36 20.77 -5.36
C ARG B 148 27.91 19.37 -5.46
N TRP B 149 27.24 18.52 -6.23
CA TRP B 149 27.46 17.06 -6.21
C TRP B 149 28.90 16.57 -6.37
N PRO B 150 29.58 16.93 -7.47
CA PRO B 150 30.91 16.36 -7.68
C PRO B 150 31.97 16.86 -6.67
N LYS B 151 31.80 18.07 -6.12
CA LYS B 151 32.59 18.55 -4.96
C LYS B 151 32.45 17.55 -3.80
N PHE B 152 31.19 17.31 -3.44
CA PHE B 152 30.79 16.34 -2.40
C PHE B 152 31.36 14.93 -2.64
N PHE B 153 31.13 14.38 -3.84
CA PHE B 153 31.63 13.02 -4.17
C PHE B 153 33.14 12.89 -3.99
N LYS B 154 33.86 13.96 -4.31
CA LYS B 154 35.30 14.05 -4.10
C LYS B 154 35.64 14.11 -2.62
N GLN B 155 34.91 14.92 -1.85
CA GLN B 155 35.13 15.01 -0.39
C GLN B 155 34.82 13.69 0.34
N ILE B 156 34.00 12.84 -0.28
CA ILE B 156 33.60 11.57 0.31
C ILE B 156 34.44 10.41 -0.20
N ASP B 157 35.40 10.69 -1.07
CA ASP B 157 36.34 9.70 -1.59
C ASP B 157 35.65 8.60 -2.40
N TRP B 158 34.58 8.99 -3.09
CA TRP B 158 33.89 8.11 -4.04
C TRP B 158 34.46 8.21 -5.46
N THR B 159 35.52 9.00 -5.64
CA THR B 159 36.05 9.32 -6.97
C THR B 159 37.48 8.79 -7.19
N TYR B 166 34.83 7.77 -10.89
CA TYR B 166 34.13 7.11 -9.77
C TYR B 166 34.63 5.71 -9.33
N ARG B 167 35.03 5.59 -8.06
CA ARG B 167 35.28 4.26 -7.39
C ARG B 167 34.29 3.13 -7.81
N LYS B 168 34.84 2.03 -8.37
CA LYS B 168 34.01 0.88 -8.83
C LYS B 168 33.56 0.00 -7.66
N TRP B 169 32.28 -0.36 -7.64
CA TRP B 169 31.70 -1.17 -6.55
C TRP B 169 31.80 -2.66 -6.89
N PRO B 170 32.06 -3.54 -5.91
CA PRO B 170 32.37 -3.21 -4.51
C PRO B 170 33.85 -3.29 -4.14
N MET B 171 34.69 -3.72 -5.08
CA MET B 171 36.12 -3.94 -4.81
C MET B 171 36.88 -2.64 -4.46
N GLU B 172 36.50 -1.54 -5.12
CA GLU B 172 37.26 -0.29 -5.08
C GLU B 172 36.87 0.65 -3.95
N PHE B 173 35.86 0.29 -3.15
CA PHE B 173 35.48 1.11 -1.99
C PHE B 173 36.23 0.72 -0.71
N ILE B 174 36.28 1.68 0.21
CA ILE B 174 36.85 1.52 1.58
C ILE B 174 35.82 1.17 2.68
N TYR B 175 35.82 -0.09 3.11
CA TYR B 175 34.94 -0.56 4.15
C TYR B 175 35.71 -0.72 5.46
N SER B 176 36.04 0.41 6.09
CA SER B 176 36.77 0.43 7.36
C SER B 176 36.76 1.79 8.04
N MET B 177 37.21 1.82 9.29
CA MET B 177 37.36 3.06 10.03
C MET B 177 38.41 4.02 9.44
N ASP B 178 39.30 3.52 8.58
CA ASP B 178 40.21 4.39 7.80
C ASP B 178 39.51 5.22 6.73
N ALA B 179 38.25 4.90 6.38
CA ALA B 179 37.52 5.68 5.37
C ALA B 179 37.23 7.11 5.86
N PRO B 180 37.10 8.06 4.92
CA PRO B 180 36.79 9.45 5.30
C PRO B 180 35.40 9.63 5.88
N ARG B 181 35.19 10.71 6.64
CA ARG B 181 33.88 11.05 7.20
C ARG B 181 32.90 11.15 6.04
N GLY B 182 31.79 10.42 6.15
CA GLY B 182 30.74 10.40 5.14
C GLY B 182 30.88 9.38 4.03
N HIS B 183 31.98 8.63 4.04
CA HIS B 183 32.23 7.62 3.01
C HIS B 183 31.15 6.53 2.95
N LEU B 184 30.56 6.20 4.10
CA LEU B 184 29.54 5.16 4.19
C LEU B 184 28.30 5.68 4.90
N PRO B 185 27.14 5.06 4.63
CA PRO B 185 26.93 3.97 3.67
C PRO B 185 26.82 4.49 2.23
N LEU B 186 26.54 3.60 1.28
CA LEU B 186 26.44 3.95 -0.15
C LEU B 186 24.99 4.04 -0.62
N THR B 187 24.81 4.47 -1.87
CA THR B 187 23.47 4.71 -2.43
C THR B 187 23.37 4.80 -3.99
N ASN B 188 23.52 3.70 -4.73
CA ASN B 188 23.62 3.80 -6.24
C ASN B 188 24.09 5.18 -6.86
N ARG B 191 22.32 4.80 -12.70
CA ARG B 191 21.15 5.66 -12.50
C ARG B 191 21.55 7.07 -12.08
N GLY B 192 20.56 7.96 -12.01
CA GLY B 192 20.80 9.30 -11.40
C GLY B 192 21.04 9.37 -9.91
N THR B 193 21.26 10.60 -9.47
CA THR B 193 21.65 10.93 -8.09
C THR B 193 20.43 11.43 -7.33
N GLN B 194 19.24 11.48 -7.94
CA GLN B 194 17.98 11.90 -7.26
C GLN B 194 17.67 11.09 -6.00
N LEU B 195 17.93 9.79 -6.08
CA LEU B 195 17.72 8.87 -4.96
C LEU B 195 18.42 9.37 -3.72
N PHE B 196 19.74 9.40 -3.81
CA PHE B 196 20.57 9.78 -2.68
C PHE B 196 20.15 11.15 -2.16
N GLN B 197 19.82 12.07 -3.07
CA GLN B 197 19.29 13.37 -2.66
C GLN B 197 18.09 13.24 -1.75
N ALA B 198 17.10 12.49 -2.23
CA ALA B 198 15.83 12.27 -1.53
C ALA B 198 16.06 11.78 -0.12
N ILE B 199 17.03 10.89 0.03
CA ILE B 199 17.44 10.42 1.34
C ILE B 199 17.81 11.60 2.23
N MET B 200 18.76 12.43 1.80
CA MET B 200 19.31 13.47 2.67
C MET B 200 18.30 14.59 2.90
N GLU B 201 17.56 14.93 1.85
CA GLU B 201 16.43 15.86 1.96
C GLU B 201 15.30 15.30 2.86
N HIS B 202 15.27 13.97 3.07
CA HIS B 202 14.32 13.31 4.02
C HIS B 202 14.30 13.99 5.40
N PRO B 203 13.14 14.03 6.07
CA PRO B 203 13.04 14.75 7.34
C PRO B 203 13.86 14.16 8.51
N ALA B 204 14.34 12.95 8.34
CA ALA B 204 14.83 12.18 9.47
C ALA B 204 16.07 12.91 9.93
N PHE B 205 16.71 13.62 9.00
CA PHE B 205 17.87 14.41 9.30
C PHE B 205 17.46 15.90 9.35
N GLU B 206 16.87 16.36 8.26
CA GLU B 206 16.47 17.76 8.14
C GLU B 206 17.55 18.70 8.67
N LYS C 52 14.97 -26.78 14.35
CA LYS C 52 15.08 -25.62 15.29
C LYS C 52 16.31 -25.84 16.15
N GLU C 53 16.25 -26.89 16.97
CA GLU C 53 17.42 -27.42 17.68
C GLU C 53 18.32 -28.11 16.69
N ALA C 54 17.72 -28.73 15.67
CA ALA C 54 18.46 -29.47 14.67
C ALA C 54 19.38 -28.58 13.85
N VAL C 55 18.89 -27.38 13.55
CA VAL C 55 19.65 -26.41 12.77
C VAL C 55 20.91 -26.03 13.52
N MET C 56 20.81 -25.98 14.84
CA MET C 56 21.95 -25.63 15.67
C MET C 56 23.05 -26.70 15.74
N GLU C 57 22.66 -27.96 15.68
CA GLU C 57 23.61 -29.06 15.74
C GLU C 57 24.59 -29.09 14.56
N VAL C 58 24.17 -28.58 13.40
CA VAL C 58 24.97 -28.67 12.16
C VAL C 58 26.32 -27.93 12.26
N GLN C 59 27.38 -28.58 11.80
CA GLN C 59 28.72 -27.98 11.81
C GLN C 59 28.83 -27.05 10.60
N LEU C 60 29.32 -25.84 10.83
CA LEU C 60 29.28 -24.75 9.86
C LEU C 60 30.66 -24.55 9.25
N SER C 61 30.91 -25.16 8.10
CA SER C 61 32.25 -25.16 7.52
C SER C 61 32.25 -24.67 6.08
N SER C 62 33.38 -24.11 5.69
CA SER C 62 33.53 -23.37 4.44
C SER C 62 34.98 -23.48 3.97
N THR C 63 35.17 -23.65 2.66
CA THR C 63 36.48 -23.49 2.08
C THR C 63 36.83 -22.01 1.85
N ALA C 64 35.86 -21.12 1.87
CA ALA C 64 36.06 -19.74 1.40
C ALA C 64 35.76 -18.66 2.44
N GLY C 65 35.92 -19.03 3.71
CA GLY C 65 35.75 -18.07 4.82
C GLY C 65 34.37 -17.43 4.91
N ILE C 66 33.35 -18.21 4.60
CA ILE C 66 31.99 -17.73 4.56
C ILE C 66 31.28 -18.02 5.89
N ASP C 67 30.67 -16.96 6.44
CA ASP C 67 30.04 -17.01 7.75
C ASP C 67 28.54 -17.31 7.63
N TYR C 68 28.20 -18.59 7.81
CA TYR C 68 26.84 -19.06 7.65
C TYR C 68 25.89 -18.75 8.83
N THR C 69 26.39 -18.10 9.87
CA THR C 69 25.59 -17.82 11.09
C THR C 69 24.27 -17.11 10.81
N VAL C 70 24.29 -16.16 9.88
CA VAL C 70 23.13 -15.31 9.68
C VAL C 70 22.04 -16.18 9.15
N LEU C 71 22.37 -16.94 8.12
CA LEU C 71 21.48 -17.95 7.54
C LEU C 71 21.01 -18.91 8.60
N ARG C 72 21.97 -19.48 9.34
CA ARG C 72 21.66 -20.43 10.39
C ARG C 72 20.65 -19.86 11.36
N ASP C 73 20.86 -18.62 11.76
CA ASP C 73 19.99 -17.98 12.73
C ASP C 73 18.60 -17.76 12.16
N HIS C 74 18.52 -17.39 10.88
CA HIS C 74 17.22 -17.27 10.22
C HIS C 74 16.55 -18.62 10.17
N LEU C 75 17.30 -19.61 9.67
CA LEU C 75 16.76 -20.97 9.43
C LEU C 75 16.29 -21.64 10.72
N ALA C 76 17.04 -21.39 11.80
CA ALA C 76 16.69 -21.89 13.13
C ALA C 76 15.39 -21.31 13.63
N ASN C 77 15.31 -19.98 13.61
CA ASN C 77 14.14 -19.27 14.10
C ASN C 77 12.92 -19.34 13.15
N GLY C 78 13.06 -19.97 11.98
CA GLY C 78 11.95 -20.26 11.08
C GLY C 78 11.65 -19.11 10.15
N GLU C 79 12.71 -18.44 9.71
CA GLU C 79 12.62 -17.17 9.00
C GLU C 79 13.04 -17.46 7.55
N PHE C 80 12.20 -18.26 6.88
CA PHE C 80 12.54 -18.86 5.57
C PHE C 80 12.73 -17.85 4.44
N ARG C 81 11.89 -16.82 4.40
CA ARG C 81 12.04 -15.75 3.44
C ARG C 81 13.44 -15.13 3.50
N GLU C 82 13.85 -14.73 4.71
CA GLU C 82 15.16 -14.10 4.91
C GLU C 82 16.29 -15.08 4.63
N ALA C 83 16.07 -16.33 5.01
CA ALA C 83 17.03 -17.41 4.80
C ALA C 83 17.28 -17.66 3.33
N GLU C 84 16.20 -17.61 2.56
CA GLU C 84 16.30 -17.74 1.11
C GLU C 84 17.14 -16.62 0.53
N ASP C 85 16.79 -15.39 0.89
CA ASP C 85 17.58 -14.25 0.48
C ASP C 85 19.03 -14.36 0.88
N GLU C 86 19.31 -14.77 2.13
CA GLU C 86 20.69 -14.97 2.56
C GLU C 86 21.36 -16.03 1.67
N THR C 87 20.73 -17.19 1.52
CA THR C 87 21.23 -18.25 0.65
C THR C 87 21.68 -17.71 -0.69
N ARG C 88 20.81 -16.96 -1.38
CA ARG C 88 21.15 -16.42 -2.72
C ARG C 88 22.41 -15.60 -2.65
N ALA C 89 22.45 -14.69 -1.68
CA ALA C 89 23.61 -13.80 -1.45
C ALA C 89 24.92 -14.53 -1.25
N LEU C 90 24.87 -15.64 -0.52
CA LEU C 90 26.06 -16.43 -0.29
C LEU C 90 26.50 -17.10 -1.58
N LEU C 91 25.55 -17.70 -2.29
CA LEU C 91 25.83 -18.33 -3.57
C LEU C 91 26.57 -17.37 -4.47
N ILE C 92 26.16 -16.10 -4.43
CA ILE C 92 26.82 -15.06 -5.23
C ILE C 92 28.25 -14.86 -4.77
N LYS C 93 28.42 -14.57 -3.49
CA LYS C 93 29.76 -14.41 -2.89
C LYS C 93 30.64 -15.63 -3.20
N LEU C 94 30.08 -16.83 -3.03
CA LEU C 94 30.77 -18.10 -3.32
C LEU C 94 31.26 -18.27 -4.76
N ALA C 95 30.49 -17.71 -5.70
CA ALA C 95 30.80 -17.86 -7.12
C ALA C 95 31.96 -16.98 -7.57
N GLY C 96 32.45 -16.10 -6.71
CA GLY C 96 33.67 -15.36 -6.98
C GLY C 96 33.36 -13.95 -7.43
N PRO C 97 34.41 -13.15 -7.58
CA PRO C 97 34.33 -11.69 -7.67
C PRO C 97 33.52 -11.17 -8.82
N GLU C 98 33.66 -11.79 -9.99
CA GLU C 98 32.90 -11.34 -11.16
C GLU C 98 31.41 -11.49 -10.85
N ALA C 99 31.05 -12.63 -10.27
CA ALA C 99 29.65 -12.94 -9.89
C ALA C 99 29.08 -11.87 -8.95
N VAL C 100 29.90 -11.46 -7.99
CA VAL C 100 29.50 -10.45 -7.01
C VAL C 100 29.29 -9.08 -7.62
N LYS C 101 30.20 -8.75 -8.54
CA LYS C 101 30.24 -7.44 -9.20
C LYS C 101 28.92 -7.19 -9.91
N ARG C 102 28.52 -8.17 -10.71
CA ARG C 102 27.25 -8.08 -11.44
C ARG C 102 26.02 -8.56 -10.63
N ASN C 103 26.25 -9.38 -9.61
CA ASN C 103 25.23 -9.73 -8.60
C ASN C 103 24.20 -10.81 -8.97
N TRP C 104 24.42 -11.54 -10.06
CA TRP C 104 23.80 -12.85 -10.28
C TRP C 104 24.91 -13.83 -10.58
N VAL C 105 24.54 -15.09 -10.84
CA VAL C 105 25.52 -16.14 -11.08
C VAL C 105 25.32 -16.74 -12.47
N TYR C 106 26.43 -16.98 -13.19
CA TYR C 106 26.37 -17.68 -14.46
C TYR C 106 26.59 -19.15 -14.18
N PHE C 107 25.79 -20.00 -14.81
CA PHE C 107 25.85 -21.46 -14.63
C PHE C 107 27.26 -22.03 -14.63
N THR C 108 28.10 -21.47 -15.49
CA THR C 108 29.55 -21.76 -15.58
C THR C 108 30.29 -21.68 -14.25
N GLU C 109 29.93 -20.67 -13.46
CA GLU C 109 30.60 -20.39 -12.20
C GLU C 109 30.28 -21.33 -11.04
N VAL C 110 29.22 -22.12 -11.15
CA VAL C 110 28.90 -23.10 -10.11
C VAL C 110 30.07 -24.07 -9.88
N LYS C 111 30.73 -24.46 -10.97
CA LYS C 111 32.00 -25.18 -10.92
C LYS C 111 32.94 -24.65 -9.81
N ASN C 112 33.05 -23.33 -9.71
CA ASN C 112 33.88 -22.65 -8.70
C ASN C 112 33.52 -22.90 -7.24
N ILE C 113 32.24 -23.15 -6.97
CA ILE C 113 31.75 -23.34 -5.60
C ILE C 113 32.15 -24.71 -5.06
N SER C 114 32.63 -24.75 -3.84
CA SER C 114 33.19 -25.97 -3.31
C SER C 114 32.12 -26.91 -2.85
N VAL C 115 32.50 -28.17 -2.75
CA VAL C 115 31.64 -29.21 -2.21
C VAL C 115 31.17 -28.83 -0.81
N THR C 116 32.14 -28.47 0.03
CA THR C 116 31.90 -28.25 1.46
C THR C 116 30.83 -27.19 1.66
N ASP C 117 31.02 -26.07 0.96
CA ASP C 117 30.15 -24.92 1.09
C ASP C 117 28.73 -25.30 0.72
N PHE C 118 28.59 -25.96 -0.43
CA PHE C 118 27.30 -26.46 -0.86
C PHE C 118 26.69 -27.41 0.13
N GLN C 119 27.49 -28.37 0.55
CA GLN C 119 27.03 -29.33 1.54
C GLN C 119 26.55 -28.64 2.82
N THR C 120 27.27 -27.60 3.25
CA THR C 120 26.88 -26.85 4.44
C THR C 120 25.49 -26.22 4.26
N LEU C 121 25.30 -25.50 3.15
CA LEU C 121 24.01 -24.92 2.83
C LEU C 121 22.90 -25.96 2.88
N ASP C 122 23.12 -27.05 2.15
CA ASP C 122 22.17 -28.13 2.03
C ASP C 122 21.86 -28.73 3.39
N ASN C 123 22.91 -29.04 4.14
CA ASN C 123 22.75 -29.52 5.53
C ASN C 123 21.81 -28.66 6.36
N LEU C 124 22.04 -27.34 6.31
CA LEU C 124 21.22 -26.38 7.05
C LEU C 124 19.79 -26.34 6.57
N TRP C 125 19.60 -26.26 5.26
CA TRP C 125 18.25 -26.26 4.72
C TRP C 125 17.51 -27.55 5.07
N LYS C 126 18.23 -28.66 4.95
CA LYS C 126 17.70 -29.98 5.27
C LYS C 126 17.35 -29.98 6.75
N ALA C 127 18.26 -29.49 7.56
CA ALA C 127 18.09 -29.44 9.02
C ALA C 127 16.91 -28.60 9.48
N SER C 128 16.66 -27.49 8.79
CA SER C 128 15.59 -26.58 9.17
C SER C 128 14.19 -27.07 8.80
N SER C 129 14.11 -28.18 8.05
CA SER C 129 12.90 -28.50 7.32
C SER C 129 12.41 -29.94 7.48
N ASN C 130 12.87 -30.64 8.53
CA ASN C 130 12.67 -32.11 8.66
C ASN C 130 13.05 -32.82 7.37
N ASN C 131 14.16 -32.36 6.79
CA ASN C 131 14.68 -32.82 5.51
C ASN C 131 13.74 -32.66 4.29
N LYS C 132 12.80 -31.70 4.34
CA LYS C 132 11.92 -31.37 3.20
C LYS C 132 12.56 -30.39 2.21
N PHE C 133 13.52 -29.58 2.67
CA PHE C 133 14.17 -28.55 1.83
C PHE C 133 15.64 -28.82 1.65
N GLY C 134 16.20 -28.29 0.56
CA GLY C 134 17.59 -28.50 0.23
C GLY C 134 17.83 -28.75 -1.24
N TYR C 135 19.04 -28.48 -1.67
CA TYR C 135 19.45 -28.76 -3.02
C TYR C 135 19.42 -30.24 -3.34
N SER C 136 19.96 -31.05 -2.43
CA SER C 136 19.99 -32.50 -2.58
C SER C 136 18.59 -33.08 -2.71
N VAL C 137 17.67 -32.54 -1.92
CA VAL C 137 16.28 -32.94 -2.00
C VAL C 137 15.80 -32.66 -3.40
N GLN C 138 16.06 -31.45 -3.87
CA GLN C 138 15.68 -31.03 -5.19
C GLN C 138 16.23 -32.00 -6.27
N LYS C 139 17.50 -32.40 -6.15
CA LYS C 139 18.09 -33.39 -7.07
C LYS C 139 17.22 -34.63 -7.04
N GLU C 140 16.98 -35.18 -5.84
CA GLU C 140 16.12 -36.39 -5.71
C GLU C 140 14.79 -36.26 -6.45
N ILE C 141 14.03 -35.22 -6.17
CA ILE C 141 12.75 -34.99 -6.86
C ILE C 141 12.89 -34.82 -8.40
N TRP C 142 14.00 -34.22 -8.85
CA TRP C 142 14.28 -34.04 -10.28
C TRP C 142 14.57 -35.37 -10.94
N VAL C 143 15.42 -36.15 -10.29
CA VAL C 143 15.75 -37.49 -10.78
C VAL C 143 14.51 -38.37 -10.78
N GLN C 144 13.72 -38.33 -9.70
CA GLN C 144 12.48 -39.10 -9.62
C GLN C 144 11.51 -38.71 -10.74
N ASN C 145 11.50 -37.46 -11.18
CA ASN C 145 10.73 -37.05 -12.38
C ASN C 145 11.50 -37.19 -13.73
N GLN C 146 12.40 -38.18 -13.82
CA GLN C 146 13.12 -38.56 -15.07
C GLN C 146 13.86 -37.36 -15.73
N LYS C 147 14.47 -36.53 -14.89
CA LYS C 147 15.12 -35.24 -15.29
C LYS C 147 14.23 -34.32 -16.18
N ARG C 148 12.91 -34.51 -16.13
CA ARG C 148 11.96 -33.87 -17.03
C ARG C 148 11.45 -32.59 -16.32
N TRP C 149 11.98 -31.44 -16.75
CA TRP C 149 11.85 -30.20 -16.00
C TRP C 149 10.46 -29.74 -15.59
N PRO C 150 9.50 -29.62 -16.52
CA PRO C 150 8.18 -29.07 -16.12
C PRO C 150 7.37 -30.03 -15.23
N LYS C 151 7.61 -31.34 -15.35
CA LYS C 151 7.11 -32.35 -14.37
C LYS C 151 7.59 -31.97 -12.96
N PHE C 152 8.91 -31.86 -12.84
CA PHE C 152 9.59 -31.42 -11.62
C PHE C 152 9.06 -30.08 -11.05
N PHE C 153 9.03 -29.04 -11.88
CA PHE C 153 8.56 -27.71 -11.46
C PHE C 153 7.15 -27.75 -10.86
N LYS C 154 6.31 -28.62 -11.44
CA LYS C 154 4.96 -28.87 -10.93
C LYS C 154 5.00 -29.61 -9.60
N GLN C 155 5.86 -30.62 -9.48
CA GLN C 155 6.01 -31.37 -8.22
C GLN C 155 6.57 -30.52 -7.07
N ILE C 156 7.27 -29.45 -7.41
CA ILE C 156 7.89 -28.58 -6.44
C ILE C 156 6.98 -27.37 -6.12
N ASP C 157 5.81 -27.28 -6.76
CA ASP C 157 4.81 -26.22 -6.53
C ASP C 157 5.32 -24.83 -6.89
N TRP C 158 6.18 -24.80 -7.93
CA TRP C 158 6.65 -23.54 -8.50
C TRP C 158 5.74 -23.04 -9.64
N THR C 159 4.62 -23.75 -9.89
CA THR C 159 3.74 -23.47 -11.04
C THR C 159 2.28 -23.10 -10.70
N TYR C 166 4.68 -19.02 -13.49
CA TYR C 166 4.98 -20.13 -12.60
C TYR C 166 5.56 -19.54 -11.32
N ARG C 167 4.66 -19.31 -10.37
CA ARG C 167 4.76 -18.56 -9.14
C ARG C 167 5.64 -17.33 -9.25
N LYS C 168 5.03 -16.15 -9.08
CA LYS C 168 5.76 -14.86 -9.14
C LYS C 168 6.55 -14.61 -7.86
N TRP C 169 7.81 -14.20 -8.00
CA TRP C 169 8.67 -13.96 -6.84
C TRP C 169 8.56 -12.49 -6.40
N PRO C 170 8.60 -12.18 -5.09
CA PRO C 170 8.66 -13.15 -3.97
C PRO C 170 7.33 -13.35 -3.25
N MET C 171 6.30 -12.59 -3.62
CA MET C 171 5.01 -12.61 -2.92
C MET C 171 4.29 -13.95 -3.07
N GLU C 172 4.42 -14.58 -4.24
CA GLU C 172 3.62 -15.76 -4.60
C GLU C 172 4.24 -17.13 -4.18
N PHE C 173 5.43 -17.11 -3.58
CA PHE C 173 6.06 -18.34 -3.07
C PHE C 173 5.69 -18.64 -1.60
N ILE C 174 5.82 -19.92 -1.25
CA ILE C 174 5.59 -20.45 0.10
C ILE C 174 6.87 -20.58 0.95
N TYR C 175 7.04 -19.69 1.92
CA TYR C 175 8.19 -19.68 2.81
C TYR C 175 7.81 -20.21 4.19
N SER C 176 7.59 -21.51 4.27
CA SER C 176 7.16 -22.16 5.53
C SER C 176 7.24 -23.67 5.46
N MET C 177 7.09 -24.29 6.62
CA MET C 177 7.06 -25.75 6.70
C MET C 177 5.84 -26.39 6.02
N ASP C 178 4.80 -25.60 5.75
CA ASP C 178 3.69 -26.06 4.89
C ASP C 178 4.05 -26.28 3.42
N ALA C 179 5.19 -25.77 2.97
CA ALA C 179 5.61 -25.94 1.57
C ALA C 179 5.96 -27.39 1.25
N PRO C 180 5.82 -27.78 -0.02
CA PRO C 180 6.10 -29.16 -0.41
C PRO C 180 7.58 -29.49 -0.34
N ARG C 181 7.88 -30.78 -0.23
CA ARG C 181 9.27 -31.27 -0.23
C ARG C 181 9.95 -30.74 -1.51
N GLY C 182 11.09 -30.07 -1.35
CA GLY C 182 11.86 -29.54 -2.48
C GLY C 182 11.49 -28.14 -2.93
N HIS C 183 10.47 -27.54 -2.32
CA HIS C 183 10.04 -26.19 -2.66
C HIS C 183 11.13 -25.15 -2.47
N LEU C 184 12.01 -25.35 -1.48
CA LEU C 184 13.08 -24.41 -1.16
C LEU C 184 14.43 -25.10 -1.09
N PRO C 185 15.52 -24.37 -1.32
CA PRO C 185 15.53 -22.93 -1.68
C PRO C 185 15.26 -22.71 -3.18
N LEU C 186 15.34 -21.46 -3.62
CA LEU C 186 15.07 -21.12 -5.01
C LEU C 186 16.35 -20.89 -5.80
N THR C 187 16.18 -20.70 -7.11
CA THR C 187 17.27 -20.57 -8.04
C THR C 187 16.64 -20.10 -9.42
N ASN C 188 15.40 -19.53 -9.42
CA ASN C 188 14.84 -18.62 -10.48
C ASN C 188 15.80 -18.40 -11.68
N GLY C 192 15.94 -18.65 -17.87
CA GLY C 192 16.68 -19.88 -18.11
C GLY C 192 16.57 -20.93 -17.02
N THR C 193 17.41 -21.97 -17.14
CA THR C 193 17.42 -23.14 -16.25
C THR C 193 18.72 -23.93 -16.09
N GLN C 194 19.71 -23.64 -16.93
CA GLN C 194 21.05 -24.26 -16.91
C GLN C 194 21.83 -24.04 -15.62
N LEU C 195 21.54 -22.93 -14.94
CA LEU C 195 22.03 -22.66 -13.57
C LEU C 195 21.63 -23.71 -12.56
N PHE C 196 20.33 -23.78 -12.32
CA PHE C 196 19.77 -24.71 -11.34
C PHE C 196 20.20 -26.15 -11.62
N GLN C 197 20.23 -26.53 -12.90
CA GLN C 197 20.80 -27.83 -13.30
C GLN C 197 22.21 -28.03 -12.76
N ALA C 198 23.09 -27.06 -13.05
CA ALA C 198 24.52 -27.11 -12.67
C ALA C 198 24.69 -27.33 -11.19
N ILE C 199 23.83 -26.68 -10.42
CA ILE C 199 23.77 -26.91 -8.97
C ILE C 199 23.56 -28.38 -8.67
N MET C 200 22.50 -28.98 -9.19
CA MET C 200 22.14 -30.35 -8.80
C MET C 200 23.11 -31.38 -9.38
N GLU C 201 23.55 -31.13 -10.61
CA GLU C 201 24.62 -31.94 -11.20
C GLU C 201 25.95 -31.78 -10.44
N HIS C 202 26.12 -30.69 -9.67
CA HIS C 202 27.30 -30.47 -8.81
C HIS C 202 27.63 -31.69 -7.97
N PRO C 203 28.93 -31.97 -7.74
CA PRO C 203 29.33 -33.16 -7.01
C PRO C 203 29.02 -33.18 -5.52
N ALA C 204 28.45 -32.13 -4.97
CA ALA C 204 28.25 -32.05 -3.54
C ALA C 204 27.10 -32.98 -3.19
N PHE C 205 26.22 -33.20 -4.15
CA PHE C 205 25.10 -34.10 -3.99
C PHE C 205 25.21 -35.38 -4.82
N GLU C 206 25.94 -35.32 -5.94
CA GLU C 206 26.09 -36.40 -6.90
C GLU C 206 27.53 -36.95 -6.88
N LYS D 52 -9.96 29.76 -29.71
CA LYS D 52 -11.31 30.08 -29.19
C LYS D 52 -12.30 30.04 -30.35
N GLU D 53 -12.11 30.99 -31.29
CA GLU D 53 -12.75 30.96 -32.59
C GLU D 53 -12.13 29.86 -33.43
N ALA D 54 -10.83 29.64 -33.23
CA ALA D 54 -10.08 28.63 -33.98
C ALA D 54 -10.58 27.21 -33.72
N VAL D 55 -10.92 26.94 -32.45
CA VAL D 55 -11.40 25.63 -32.05
C VAL D 55 -12.70 25.32 -32.78
N MET D 56 -13.50 26.36 -33.02
CA MET D 56 -14.77 26.19 -33.70
C MET D 56 -14.66 25.87 -35.19
N GLU D 57 -13.64 26.42 -35.85
CA GLU D 57 -13.41 26.19 -37.30
C GLU D 57 -13.12 24.71 -37.64
N VAL D 58 -12.54 23.96 -36.69
CA VAL D 58 -12.11 22.58 -36.95
C VAL D 58 -13.28 21.65 -37.30
N GLN D 59 -13.10 20.83 -38.35
CA GLN D 59 -14.11 19.85 -38.76
C GLN D 59 -13.99 18.61 -37.84
N LEU D 60 -15.12 18.16 -37.33
CA LEU D 60 -15.18 17.16 -36.25
C LEU D 60 -15.57 15.81 -36.84
N SER D 61 -14.59 14.98 -37.16
CA SER D 61 -14.87 13.75 -37.88
C SER D 61 -14.30 12.55 -37.15
N SER D 62 -14.94 11.41 -37.38
CA SER D 62 -14.70 10.18 -36.65
C SER D 62 -15.03 8.98 -37.52
N THR D 63 -14.22 7.95 -37.42
CA THR D 63 -14.58 6.66 -38.02
C THR D 63 -15.53 5.88 -37.13
N ALA D 64 -15.63 6.23 -35.84
CA ALA D 64 -16.33 5.39 -34.88
C ALA D 64 -17.52 6.05 -34.18
N GLY D 65 -18.15 7.01 -34.85
CA GLY D 65 -19.36 7.67 -34.33
C GLY D 65 -19.18 8.40 -33.02
N ILE D 66 -18.01 9.00 -32.84
CA ILE D 66 -17.65 9.65 -31.60
C ILE D 66 -17.94 11.15 -31.67
N ASP D 67 -18.65 11.63 -30.64
CA ASP D 67 -19.15 12.99 -30.60
C ASP D 67 -18.18 13.89 -29.83
N TYR D 68 -17.33 14.58 -30.59
CA TYR D 68 -16.29 15.42 -30.02
C TYR D 68 -16.78 16.79 -29.48
N THR D 69 -18.07 17.09 -29.59
CA THR D 69 -18.63 18.41 -29.20
C THR D 69 -18.26 18.81 -27.77
N VAL D 70 -18.30 17.85 -26.84
CA VAL D 70 -18.17 18.16 -25.44
C VAL D 70 -16.78 18.67 -25.22
N LEU D 71 -15.82 17.91 -25.72
CA LEU D 71 -14.41 18.30 -25.73
C LEU D 71 -14.25 19.63 -26.41
N ARG D 72 -14.78 19.75 -27.62
CA ARG D 72 -14.69 21.00 -28.40
C ARG D 72 -15.18 22.18 -27.59
N ASP D 73 -16.31 22.02 -26.91
CA ASP D 73 -16.90 23.08 -26.13
C ASP D 73 -16.07 23.45 -24.93
N HIS D 74 -15.47 22.45 -24.28
CA HIS D 74 -14.51 22.71 -23.21
C HIS D 74 -13.30 23.44 -23.75
N LEU D 75 -12.70 22.89 -24.81
CA LEU D 75 -11.46 23.41 -25.38
C LEU D 75 -11.62 24.84 -25.88
N ALA D 76 -12.78 25.12 -26.46
CA ALA D 76 -13.10 26.46 -26.96
C ALA D 76 -13.17 27.46 -25.82
N ASN D 77 -13.96 27.14 -24.81
CA ASN D 77 -14.17 28.04 -23.69
C ASN D 77 -12.98 28.09 -22.74
N GLY D 78 -11.94 27.29 -23.00
CA GLY D 78 -10.67 27.37 -22.24
C GLY D 78 -10.66 26.52 -20.97
N GLU D 79 -11.32 25.37 -21.04
CA GLU D 79 -11.66 24.56 -19.89
C GLU D 79 -10.79 23.31 -19.97
N PHE D 80 -9.48 23.53 -19.86
CA PHE D 80 -8.46 22.52 -20.17
C PHE D 80 -8.51 21.28 -19.27
N ARG D 81 -8.76 21.48 -17.98
CA ARG D 81 -8.88 20.37 -17.04
C ARG D 81 -9.96 19.42 -17.50
N GLU D 82 -11.14 19.97 -17.81
CA GLU D 82 -12.29 19.14 -18.23
C GLU D 82 -12.03 18.52 -19.58
N ALA D 83 -11.35 19.27 -20.44
CA ALA D 83 -10.99 18.81 -21.78
C ALA D 83 -10.04 17.63 -21.74
N GLU D 84 -9.08 17.67 -20.81
CA GLU D 84 -8.15 16.57 -20.59
C GLU D 84 -8.93 15.34 -20.21
N ASP D 85 -9.78 15.48 -19.20
CA ASP D 85 -10.64 14.37 -18.77
C ASP D 85 -11.45 13.80 -19.92
N GLU D 86 -12.08 14.68 -20.70
CA GLU D 86 -12.88 14.22 -21.84
C GLU D 86 -11.98 13.45 -22.81
N THR D 87 -10.86 14.07 -23.17
CA THR D 87 -9.88 13.41 -24.05
C THR D 87 -9.59 11.97 -23.61
N ARG D 88 -9.23 11.78 -22.33
CA ARG D 88 -8.89 10.46 -21.81
C ARG D 88 -10.06 9.48 -22.02
N ALA D 89 -11.25 9.93 -21.64
CA ALA D 89 -12.49 9.15 -21.82
C ALA D 89 -12.74 8.71 -23.26
N LEU D 90 -12.45 9.58 -24.22
CA LEU D 90 -12.68 9.25 -25.61
C LEU D 90 -11.67 8.23 -26.07
N LEU D 91 -10.40 8.44 -25.72
CA LEU D 91 -9.33 7.50 -26.05
C LEU D 91 -9.71 6.10 -25.56
N ILE D 92 -10.36 6.02 -24.40
CA ILE D 92 -10.85 4.75 -23.88
C ILE D 92 -11.95 4.16 -24.78
N LYS D 93 -13.01 4.93 -24.99
CA LYS D 93 -14.10 4.54 -25.89
C LYS D 93 -13.57 4.11 -27.27
N LEU D 94 -12.65 4.91 -27.81
CA LEU D 94 -11.98 4.62 -29.09
C LEU D 94 -11.20 3.29 -29.17
N ALA D 95 -10.63 2.89 -28.05
CA ALA D 95 -9.80 1.69 -28.00
C ALA D 95 -10.63 0.40 -28.04
N GLY D 96 -11.96 0.53 -27.93
CA GLY D 96 -12.82 -0.60 -28.10
C GLY D 96 -13.31 -1.15 -26.78
N PRO D 97 -14.21 -2.14 -26.83
CA PRO D 97 -15.05 -2.56 -25.71
C PRO D 97 -14.29 -3.09 -24.50
N GLU D 98 -13.23 -3.86 -24.74
CA GLU D 98 -12.43 -4.40 -23.65
C GLU D 98 -11.82 -3.23 -22.86
N ALA D 99 -11.29 -2.26 -23.60
CA ALA D 99 -10.70 -1.05 -23.00
C ALA D 99 -11.69 -0.31 -22.11
N VAL D 100 -12.93 -0.18 -22.59
CA VAL D 100 -14.00 0.55 -21.90
C VAL D 100 -14.42 -0.18 -20.63
N LYS D 101 -14.49 -1.51 -20.74
CA LYS D 101 -14.91 -2.38 -19.62
C LYS D 101 -14.00 -2.18 -18.40
N ARG D 102 -12.69 -2.27 -18.62
CA ARG D 102 -11.72 -2.09 -17.55
C ARG D 102 -11.34 -0.64 -17.31
N ASN D 103 -11.54 0.22 -18.31
CA ASN D 103 -11.45 1.68 -18.15
C ASN D 103 -10.04 2.32 -18.18
N TRP D 104 -9.01 1.57 -18.59
CA TRP D 104 -7.76 2.17 -19.05
C TRP D 104 -7.46 1.53 -20.41
N VAL D 105 -6.34 1.90 -21.02
CA VAL D 105 -5.97 1.42 -22.36
C VAL D 105 -4.64 0.69 -22.31
N TYR D 106 -4.57 -0.43 -23.02
CA TYR D 106 -3.31 -1.16 -23.16
C TYR D 106 -2.68 -0.66 -24.44
N PHE D 107 -1.37 -0.42 -24.36
CA PHE D 107 -0.60 0.09 -25.49
C PHE D 107 -0.87 -0.62 -26.83
N THR D 108 -1.10 -1.93 -26.76
CA THR D 108 -1.55 -2.78 -27.88
C THR D 108 -2.75 -2.26 -28.64
N GLU D 109 -3.70 -1.73 -27.87
CA GLU D 109 -4.97 -1.29 -28.43
C GLU D 109 -4.94 0.02 -29.20
N VAL D 110 -3.89 0.81 -29.06
CA VAL D 110 -3.77 2.06 -29.81
C VAL D 110 -3.84 1.79 -31.30
N LYS D 111 -3.23 0.68 -31.74
CA LYS D 111 -3.39 0.16 -33.10
C LYS D 111 -4.84 0.26 -33.60
N ASN D 112 -5.80 -0.10 -32.74
CA ASN D 112 -7.25 -0.02 -33.05
C ASN D 112 -7.81 1.36 -33.37
N ILE D 113 -7.23 2.40 -32.79
CA ILE D 113 -7.73 3.77 -32.94
C ILE D 113 -7.37 4.31 -34.31
N SER D 114 -8.32 4.94 -34.96
CA SER D 114 -8.15 5.32 -36.36
C SER D 114 -7.33 6.58 -36.45
N VAL D 115 -6.77 6.76 -37.65
CA VAL D 115 -6.04 7.97 -37.96
C VAL D 115 -6.93 9.18 -37.74
N THR D 116 -8.12 9.12 -38.31
CA THR D 116 -9.02 10.28 -38.34
C THR D 116 -9.30 10.79 -36.93
N ASP D 117 -9.67 9.85 -36.07
CA ASP D 117 -10.10 10.15 -34.73
C ASP D 117 -8.97 10.83 -34.00
N PHE D 118 -7.78 10.25 -34.11
CA PHE D 118 -6.58 10.86 -33.52
C PHE D 118 -6.29 12.24 -34.07
N GLN D 119 -6.29 12.34 -35.39
CA GLN D 119 -6.08 13.60 -36.04
C GLN D 119 -7.09 14.65 -35.54
N THR D 120 -8.34 14.24 -35.35
CA THR D 120 -9.40 15.15 -34.85
C THR D 120 -9.03 15.69 -33.47
N LEU D 121 -8.70 14.79 -32.56
CA LEU D 121 -8.27 15.16 -31.21
C LEU D 121 -7.12 16.16 -31.26
N ASP D 122 -6.09 15.78 -32.01
CA ASP D 122 -4.89 16.58 -32.16
C ASP D 122 -5.20 17.94 -32.74
N ASN D 123 -5.97 17.96 -33.83
CA ASN D 123 -6.45 19.23 -34.45
C ASN D 123 -7.11 20.17 -33.45
N LEU D 124 -8.01 19.64 -32.63
CA LEU D 124 -8.66 20.41 -31.59
C LEU D 124 -7.68 20.91 -30.53
N TRP D 125 -6.85 20.02 -30.01
CA TRP D 125 -5.89 20.45 -28.99
C TRP D 125 -4.94 21.50 -29.55
N LYS D 126 -4.47 21.30 -30.78
CA LYS D 126 -3.58 22.25 -31.47
C LYS D 126 -4.33 23.55 -31.63
N ALA D 127 -5.59 23.45 -32.04
CA ALA D 127 -6.45 24.64 -32.27
C ALA D 127 -6.71 25.47 -31.03
N SER D 128 -6.87 24.80 -29.90
CA SER D 128 -7.17 25.47 -28.65
C SER D 128 -5.99 26.17 -28.02
N SER D 129 -4.79 25.97 -28.56
CA SER D 129 -3.57 26.24 -27.83
C SER D 129 -2.54 27.05 -28.60
N ASN D 130 -2.94 27.75 -29.65
CA ASN D 130 -1.99 28.37 -30.60
C ASN D 130 -0.94 27.37 -31.04
N ASN D 131 -1.39 26.15 -31.30
CA ASN D 131 -0.54 25.02 -31.65
C ASN D 131 0.54 24.63 -30.61
N LYS D 132 0.35 24.97 -29.33
CA LYS D 132 1.25 24.56 -28.20
C LYS D 132 0.93 23.16 -27.67
N PHE D 133 -0.31 22.71 -27.83
CA PHE D 133 -0.75 21.41 -27.29
C PHE D 133 -1.14 20.45 -28.39
N GLY D 134 -1.08 19.15 -28.08
CA GLY D 134 -1.43 18.11 -29.04
C GLY D 134 -0.47 16.94 -29.01
N TYR D 135 -0.95 15.80 -29.49
CA TYR D 135 -0.14 14.60 -29.60
C TYR D 135 1.03 14.78 -30.57
N SER D 136 0.74 15.37 -31.72
CA SER D 136 1.73 15.65 -32.75
C SER D 136 2.85 16.56 -32.21
N VAL D 137 2.44 17.56 -31.45
CA VAL D 137 3.39 18.45 -30.82
C VAL D 137 4.31 17.62 -29.95
N GLN D 138 3.70 16.77 -29.13
CA GLN D 138 4.44 15.88 -28.22
C GLN D 138 5.45 15.01 -28.99
N LYS D 139 5.04 14.43 -30.13
CA LYS D 139 5.96 13.68 -30.99
C LYS D 139 7.13 14.58 -31.32
N GLU D 140 6.87 15.78 -31.88
CA GLU D 140 7.95 16.73 -32.23
C GLU D 140 8.96 16.92 -31.06
N ILE D 141 8.48 17.31 -29.88
CA ILE D 141 9.35 17.50 -28.72
C ILE D 141 10.11 16.23 -28.30
N TRP D 142 9.50 15.06 -28.48
CA TRP D 142 10.12 13.77 -28.13
C TRP D 142 11.23 13.48 -29.10
N VAL D 143 10.95 13.65 -30.38
CA VAL D 143 11.93 13.43 -31.43
C VAL D 143 13.09 14.41 -31.24
N GLN D 144 12.77 15.68 -31.01
CA GLN D 144 13.79 16.70 -30.79
C GLN D 144 14.69 16.32 -29.61
N ASN D 145 14.17 15.63 -28.60
CA ASN D 145 14.99 15.11 -27.49
C ASN D 145 15.53 13.69 -27.71
N GLN D 146 15.79 13.34 -28.97
CA GLN D 146 16.46 12.09 -29.35
C GLN D 146 15.74 10.82 -28.80
N LYS D 147 14.40 10.85 -28.83
CA LYS D 147 13.52 9.83 -28.22
C LYS D 147 13.86 9.46 -26.76
N ARG D 148 14.57 10.35 -26.06
CA ARG D 148 15.13 10.05 -24.73
C ARG D 148 14.12 10.52 -23.68
N TRP D 149 13.42 9.57 -23.06
CA TRP D 149 12.21 9.86 -22.25
C TRP D 149 12.32 10.94 -21.15
N PRO D 150 13.27 10.79 -20.22
CA PRO D 150 13.31 11.75 -19.13
C PRO D 150 13.76 13.16 -19.53
N LYS D 151 14.56 13.27 -20.58
CA LYS D 151 14.84 14.56 -21.22
C LYS D 151 13.51 15.22 -21.62
N PHE D 152 12.73 14.48 -22.40
CA PHE D 152 11.40 14.87 -22.89
C PHE D 152 10.46 15.28 -21.75
N PHE D 153 10.31 14.41 -20.77
CA PHE D 153 9.44 14.70 -19.63
C PHE D 153 9.77 16.01 -18.92
N LYS D 154 11.07 16.32 -18.85
CA LYS D 154 11.55 17.58 -18.29
C LYS D 154 11.20 18.72 -19.21
N GLN D 155 11.38 18.54 -20.51
CA GLN D 155 11.02 19.60 -21.48
C GLN D 155 9.52 19.90 -21.53
N ILE D 156 8.70 18.94 -21.11
CA ILE D 156 7.26 19.04 -21.14
C ILE D 156 6.72 19.51 -19.76
N ASP D 157 7.60 19.73 -18.80
CA ASP D 157 7.25 20.24 -17.47
C ASP D 157 6.33 19.27 -16.70
N TRP D 158 6.54 17.96 -16.92
CA TRP D 158 5.88 16.91 -16.15
C TRP D 158 6.69 16.52 -14.92
N THR D 159 7.81 17.20 -14.67
CA THR D 159 8.74 16.86 -13.60
C THR D 159 8.87 17.97 -12.54
N ARG D 167 5.37 15.63 -11.40
CA ARG D 167 4.10 16.30 -11.21
C ARG D 167 2.93 15.33 -10.86
N LYS D 168 2.36 15.49 -9.67
CA LYS D 168 1.24 14.63 -9.18
C LYS D 168 -0.09 15.04 -9.80
N TRP D 169 -0.86 14.06 -10.28
CA TRP D 169 -2.12 14.34 -10.96
C TRP D 169 -3.25 14.32 -9.94
N PRO D 170 -4.28 15.16 -10.07
CA PRO D 170 -4.39 16.24 -11.09
C PRO D 170 -4.08 17.65 -10.57
N MET D 171 -3.84 17.79 -9.28
CA MET D 171 -3.63 19.10 -8.66
C MET D 171 -2.34 19.81 -9.14
N GLU D 172 -1.29 19.02 -9.37
CA GLU D 172 0.04 19.58 -9.62
C GLU D 172 0.32 19.91 -11.10
N PHE D 173 -0.61 19.62 -12.00
CA PHE D 173 -0.44 19.94 -13.43
C PHE D 173 -0.95 21.34 -13.78
N ILE D 174 -0.41 21.87 -14.88
CA ILE D 174 -0.82 23.16 -15.47
C ILE D 174 -1.87 23.04 -16.60
N TYR D 175 -3.12 23.40 -16.31
CA TYR D 175 -4.20 23.35 -17.27
C TYR D 175 -4.54 24.76 -17.75
N SER D 176 -3.65 25.32 -18.58
CA SER D 176 -3.83 26.69 -19.11
C SER D 176 -2.86 26.99 -20.26
N MET D 177 -3.12 28.12 -20.93
CA MET D 177 -2.24 28.60 -22.01
C MET D 177 -0.85 29.01 -21.51
N ASP D 178 -0.70 29.22 -20.19
CA ASP D 178 0.62 29.40 -19.57
C ASP D 178 1.50 28.13 -19.56
N ALA D 179 0.93 26.95 -19.81
CA ALA D 179 1.71 25.70 -19.86
C ALA D 179 2.69 25.67 -21.03
N PRO D 180 3.81 24.93 -20.88
CA PRO D 180 4.78 24.81 -21.99
C PRO D 180 4.27 24.05 -23.19
N ARG D 181 4.89 24.27 -24.35
CA ARG D 181 4.54 23.56 -25.58
C ARG D 181 4.68 22.07 -25.29
N GLY D 182 3.62 21.30 -25.58
CA GLY D 182 3.61 19.84 -25.39
C GLY D 182 3.17 19.36 -24.03
N HIS D 183 2.87 20.28 -23.12
CA HIS D 183 2.42 19.92 -21.77
C HIS D 183 1.11 19.12 -21.77
N LEU D 184 0.23 19.37 -22.73
CA LEU D 184 -1.05 18.68 -22.81
C LEU D 184 -1.27 18.10 -24.18
N PRO D 185 -2.10 17.06 -24.29
CA PRO D 185 -2.79 16.40 -23.19
C PRO D 185 -1.89 15.39 -22.46
N LEU D 186 -2.44 14.68 -21.47
CA LEU D 186 -1.69 13.71 -20.69
C LEU D 186 -1.94 12.27 -21.16
N THR D 187 -1.18 11.34 -20.60
CA THR D 187 -1.26 9.96 -21.04
C THR D 187 -0.99 8.95 -19.97
N ASN D 188 0.16 8.94 -19.29
CA ASN D 188 0.42 8.12 -18.08
C ASN D 188 1.65 7.28 -18.17
N ALA D 189 2.56 7.53 -17.22
CA ALA D 189 3.85 6.86 -17.11
C ALA D 189 3.90 5.89 -15.95
N LEU D 190 3.33 6.25 -14.79
CA LEU D 190 3.26 5.33 -13.64
C LEU D 190 2.94 3.91 -14.11
N ARG D 191 1.75 3.74 -14.69
CA ARG D 191 1.31 2.47 -15.29
C ARG D 191 2.44 1.80 -16.06
N GLY D 192 3.00 2.54 -17.00
CA GLY D 192 4.07 2.02 -17.80
C GLY D 192 4.79 3.11 -18.61
N THR D 193 4.61 3.16 -19.94
CA THR D 193 5.25 4.23 -20.84
C THR D 193 5.14 3.91 -22.36
N GLN D 194 5.06 2.61 -22.63
CA GLN D 194 4.80 2.05 -23.94
C GLN D 194 3.56 2.65 -24.56
N LEU D 195 2.55 2.89 -23.73
CA LEU D 195 1.29 3.49 -24.17
C LEU D 195 1.54 4.77 -24.93
N PHE D 196 2.06 5.77 -24.20
CA PHE D 196 2.28 7.09 -24.75
C PHE D 196 3.15 7.01 -26.00
N GLN D 197 4.16 6.14 -25.97
CA GLN D 197 4.95 5.88 -27.17
C GLN D 197 4.08 5.50 -28.36
N ALA D 198 3.25 4.47 -28.15
CA ALA D 198 2.41 3.92 -29.20
C ALA D 198 1.57 4.99 -29.84
N ILE D 199 1.10 5.91 -29.02
CA ILE D 199 0.36 7.06 -29.51
C ILE D 199 1.19 7.82 -30.53
N MET D 200 2.39 8.23 -30.14
CA MET D 200 3.19 9.15 -31.00
C MET D 200 3.74 8.41 -32.23
N GLU D 201 4.15 7.17 -32.03
CA GLU D 201 4.53 6.30 -33.13
C GLU D 201 3.33 5.99 -34.08
N HIS D 202 2.08 6.15 -33.60
CA HIS D 202 0.87 6.01 -34.41
C HIS D 202 0.99 6.79 -35.73
N PRO D 203 0.42 6.25 -36.82
CA PRO D 203 0.52 6.90 -38.12
C PRO D 203 -0.24 8.21 -38.30
N ALA D 204 -0.96 8.68 -37.30
CA ALA D 204 -1.83 9.84 -37.48
C ALA D 204 -0.93 11.05 -37.52
N PHE D 205 0.23 10.94 -36.85
CA PHE D 205 1.21 12.00 -36.81
C PHE D 205 2.47 11.66 -37.63
N GLU D 206 2.75 10.39 -37.86
CA GLU D 206 3.85 10.05 -38.78
C GLU D 206 3.56 10.59 -40.22
N GLU E 53 -36.70 18.03 -23.10
CA GLU E 53 -37.72 19.13 -23.13
C GLU E 53 -37.99 19.59 -21.69
N ALA E 54 -38.46 18.65 -20.89
CA ALA E 54 -38.58 18.81 -19.45
C ALA E 54 -37.21 19.04 -18.80
N VAL E 55 -36.19 18.35 -19.32
CA VAL E 55 -34.81 18.48 -18.82
C VAL E 55 -34.31 19.90 -19.02
N MET E 56 -34.73 20.54 -20.13
CA MET E 56 -34.31 21.92 -20.42
C MET E 56 -34.96 22.96 -19.48
N GLU E 57 -36.19 22.72 -19.05
CA GLU E 57 -36.89 23.64 -18.16
C GLU E 57 -36.23 23.82 -16.77
N VAL E 58 -35.54 22.80 -16.28
CA VAL E 58 -34.97 22.80 -14.92
C VAL E 58 -33.94 23.92 -14.72
N GLN E 59 -34.03 24.62 -13.58
CA GLN E 59 -33.08 25.67 -13.24
C GLN E 59 -31.83 25.00 -12.68
N LEU E 60 -30.67 25.44 -13.16
CA LEU E 60 -29.40 24.76 -12.94
C LEU E 60 -28.58 25.54 -11.92
N SER E 61 -28.68 25.17 -10.65
CA SER E 61 -28.06 25.96 -9.57
C SER E 61 -27.13 25.13 -8.68
N SER E 62 -26.14 25.82 -8.11
CA SER E 62 -25.02 25.19 -7.41
C SER E 62 -24.51 26.12 -6.34
N THR E 63 -24.15 25.57 -5.19
CA THR E 63 -23.38 26.33 -4.20
C THR E 63 -21.89 26.37 -4.52
N ALA E 64 -21.40 25.49 -5.39
CA ALA E 64 -19.96 25.31 -5.59
C ALA E 64 -19.47 25.55 -7.02
N GLY E 65 -20.17 26.42 -7.76
CA GLY E 65 -19.76 26.82 -9.11
C GLY E 65 -19.67 25.68 -10.12
N ILE E 66 -20.58 24.71 -9.99
CA ILE E 66 -20.57 23.50 -10.80
C ILE E 66 -21.45 23.68 -12.01
N ASP E 67 -20.90 23.38 -13.18
CA ASP E 67 -21.54 23.60 -14.46
C ASP E 67 -22.25 22.33 -14.92
N TYR E 68 -23.55 22.27 -14.64
CA TYR E 68 -24.34 21.08 -14.94
C TYR E 68 -24.77 20.92 -16.43
N THR E 69 -24.38 21.86 -17.29
CA THR E 69 -24.80 21.86 -18.69
C THR E 69 -24.49 20.55 -19.41
N VAL E 70 -23.33 19.99 -19.14
CA VAL E 70 -22.88 18.84 -19.90
C VAL E 70 -23.82 17.70 -19.62
N LEU E 71 -24.03 17.46 -18.33
CA LEU E 71 -25.00 16.48 -17.86
C LEU E 71 -26.36 16.78 -18.45
N ARG E 72 -26.80 18.04 -18.30
CA ARG E 72 -28.12 18.46 -18.81
C ARG E 72 -28.29 18.12 -20.27
N ASP E 73 -27.24 18.40 -21.04
CA ASP E 73 -27.28 18.16 -22.47
C ASP E 73 -27.32 16.67 -22.77
N HIS E 74 -26.59 15.86 -22.01
CA HIS E 74 -26.66 14.40 -22.17
C HIS E 74 -28.04 13.92 -21.83
N LEU E 75 -28.52 14.34 -20.67
CA LEU E 75 -29.79 13.86 -20.13
C LEU E 75 -30.95 14.24 -21.03
N ALA E 76 -30.88 15.45 -21.60
CA ALA E 76 -31.90 15.94 -22.51
C ALA E 76 -31.96 15.10 -23.76
N ASN E 77 -30.81 14.92 -24.40
CA ASN E 77 -30.72 14.18 -25.66
C ASN E 77 -30.86 12.65 -25.46
N GLY E 78 -30.97 12.18 -24.21
CA GLY E 78 -31.25 10.78 -23.92
C GLY E 78 -30.00 9.91 -23.87
N GLU E 79 -28.92 10.50 -23.36
CA GLU E 79 -27.58 9.92 -23.45
C GLU E 79 -27.21 9.48 -22.04
N PHE E 80 -27.96 8.49 -21.55
CA PHE E 80 -27.95 8.09 -20.13
C PHE E 80 -26.61 7.54 -19.65
N ARG E 81 -25.96 6.76 -20.50
CA ARG E 81 -24.63 6.25 -20.18
C ARG E 81 -23.64 7.39 -19.87
N GLU E 82 -23.57 8.37 -20.76
CA GLU E 82 -22.65 9.50 -20.60
C GLU E 82 -23.08 10.34 -19.39
N ALA E 83 -24.39 10.46 -19.20
CA ALA E 83 -24.96 11.24 -18.09
C ALA E 83 -24.60 10.63 -16.76
N GLU E 84 -24.63 9.30 -16.71
CA GLU E 84 -24.21 8.59 -15.51
C GLU E 84 -22.77 8.91 -15.19
N ASP E 85 -21.91 8.75 -16.17
CA ASP E 85 -20.51 9.06 -16.01
C ASP E 85 -20.31 10.49 -15.55
N GLU E 86 -21.02 11.43 -16.17
CA GLU E 86 -20.92 12.83 -15.76
C GLU E 86 -21.34 13.00 -14.30
N THR E 87 -22.53 12.48 -13.98
CA THR E 87 -23.02 12.48 -12.62
C THR E 87 -21.94 12.04 -11.62
N ARG E 88 -21.30 10.90 -11.84
CA ARG E 88 -20.25 10.40 -10.92
C ARG E 88 -19.14 11.43 -10.75
N ALA E 89 -18.67 11.95 -11.88
CA ALA E 89 -17.60 12.94 -11.89
C ALA E 89 -17.92 14.17 -11.08
N LEU E 90 -19.17 14.60 -11.14
CA LEU E 90 -19.57 15.80 -10.41
C LEU E 90 -19.60 15.52 -8.93
N LEU E 91 -20.19 14.37 -8.57
CA LEU E 91 -20.25 13.94 -7.16
C LEU E 91 -18.85 13.96 -6.57
N ILE E 92 -17.87 13.56 -7.35
CA ILE E 92 -16.48 13.61 -6.91
C ILE E 92 -16.02 15.05 -6.68
N LYS E 93 -16.15 15.88 -7.72
CA LYS E 93 -15.80 17.30 -7.64
C LYS E 93 -16.51 17.98 -6.45
N LEU E 94 -17.79 17.69 -6.29
CA LEU E 94 -18.59 18.20 -5.19
C LEU E 94 -18.11 17.82 -3.79
N ALA E 95 -17.53 16.63 -3.67
CA ALA E 95 -17.08 16.13 -2.37
C ALA E 95 -15.80 16.80 -1.86
N GLY E 96 -15.17 17.60 -2.69
CA GLY E 96 -14.05 18.40 -2.26
C GLY E 96 -12.73 17.78 -2.69
N PRO E 97 -11.65 18.52 -2.43
CA PRO E 97 -10.35 18.29 -3.07
C PRO E 97 -9.72 16.92 -2.80
N GLU E 98 -9.85 16.42 -1.56
CA GLU E 98 -9.31 15.11 -1.20
C GLU E 98 -9.98 14.04 -2.07
N ALA E 99 -11.30 14.15 -2.18
CA ALA E 99 -12.10 13.24 -3.00
C ALA E 99 -11.64 13.21 -4.45
N VAL E 100 -11.36 14.39 -4.99
CA VAL E 100 -10.92 14.53 -6.39
C VAL E 100 -9.56 13.93 -6.62
N LYS E 101 -8.66 14.17 -5.66
CA LYS E 101 -7.27 13.72 -5.71
C LYS E 101 -7.21 12.20 -5.88
N ARG E 102 -7.92 11.50 -5.03
CA ARG E 102 -7.99 10.04 -5.12
C ARG E 102 -9.06 9.51 -6.09
N ASN E 103 -10.08 10.31 -6.39
CA ASN E 103 -11.03 10.05 -7.46
C ASN E 103 -12.18 9.07 -7.17
N TRP E 104 -12.41 8.73 -5.91
CA TRP E 104 -13.71 8.20 -5.49
C TRP E 104 -14.13 9.01 -4.26
N VAL E 105 -15.27 8.66 -3.67
CA VAL E 105 -15.83 9.41 -2.56
C VAL E 105 -15.97 8.53 -1.32
N TYR E 106 -15.61 9.07 -0.16
CA TYR E 106 -15.80 8.37 1.11
C TYR E 106 -17.12 8.83 1.65
N PHE E 107 -17.90 7.87 2.13
CA PHE E 107 -19.26 8.12 2.64
C PHE E 107 -19.34 9.32 3.59
N THR E 108 -18.29 9.50 4.39
CA THR E 108 -18.09 10.67 5.25
C THR E 108 -18.26 12.02 4.55
N GLU E 109 -17.74 12.09 3.32
CA GLU E 109 -17.68 13.34 2.57
C GLU E 109 -18.99 13.79 1.99
N VAL E 110 -19.98 12.91 1.93
CA VAL E 110 -21.31 13.29 1.40
C VAL E 110 -21.87 14.47 2.20
N LYS E 111 -21.64 14.46 3.52
CA LYS E 111 -21.92 15.60 4.40
C LYS E 111 -21.54 16.93 3.75
N ASN E 112 -20.36 16.97 3.13
CA ASN E 112 -19.85 18.17 2.44
C ASN E 112 -20.69 18.70 1.27
N ILE E 113 -21.39 17.80 0.58
CA ILE E 113 -22.15 18.15 -0.63
C ILE E 113 -23.44 18.88 -0.23
N SER E 114 -23.73 19.97 -0.93
CA SER E 114 -24.81 20.85 -0.52
C SER E 114 -26.13 20.28 -0.95
N VAL E 115 -27.17 20.76 -0.28
CA VAL E 115 -28.53 20.41 -0.60
C VAL E 115 -28.80 20.78 -2.05
N THR E 116 -28.46 22.01 -2.41
CA THR E 116 -28.81 22.58 -3.71
C THR E 116 -28.28 21.72 -4.83
N ASP E 117 -26.99 21.39 -4.72
CA ASP E 117 -26.28 20.66 -5.75
C ASP E 117 -26.92 19.30 -5.96
N PHE E 118 -27.16 18.59 -4.86
CA PHE E 118 -27.90 17.33 -4.89
C PHE E 118 -29.28 17.46 -5.50
N GLN E 119 -30.03 18.43 -5.01
CA GLN E 119 -31.35 18.69 -5.54
C GLN E 119 -31.32 18.94 -7.05
N THR E 120 -30.31 19.68 -7.50
CA THR E 120 -30.15 19.95 -8.92
C THR E 120 -30.00 18.64 -9.72
N LEU E 121 -29.05 17.81 -9.28
CA LEU E 121 -28.82 16.51 -9.93
C LEU E 121 -30.09 15.72 -10.02
N ASP E 122 -30.74 15.60 -8.87
CA ASP E 122 -31.96 14.83 -8.71
C ASP E 122 -33.05 15.37 -9.62
N ASN E 123 -33.25 16.69 -9.57
CA ASN E 123 -34.20 17.38 -10.47
C ASN E 123 -34.00 17.02 -11.94
N LEU E 124 -32.74 17.07 -12.39
CA LEU E 124 -32.38 16.69 -13.76
C LEU E 124 -32.65 15.22 -14.07
N TRP E 125 -32.19 14.32 -13.20
CA TRP E 125 -32.43 12.89 -13.42
C TRP E 125 -33.92 12.58 -13.42
N LYS E 126 -34.65 13.18 -12.48
CA LYS E 126 -36.10 13.04 -12.41
C LYS E 126 -36.71 13.57 -13.70
N ALA E 127 -36.25 14.75 -14.14
CA ALA E 127 -36.77 15.42 -15.35
C ALA E 127 -36.56 14.62 -16.62
N SER E 128 -35.42 13.94 -16.70
CA SER E 128 -35.06 13.20 -17.89
C SER E 128 -35.79 11.88 -18.02
N SER E 129 -36.55 11.49 -17.00
CA SER E 129 -36.98 10.12 -16.87
C SER E 129 -38.46 9.92 -16.58
N ASN E 130 -39.29 10.92 -16.85
CA ASN E 130 -40.70 10.95 -16.36
C ASN E 130 -40.79 10.63 -14.86
N ASN E 131 -39.85 11.22 -14.11
CA ASN E 131 -39.67 10.96 -12.68
C ASN E 131 -39.41 9.47 -12.28
N LYS E 132 -38.86 8.64 -13.20
CA LYS E 132 -38.41 7.25 -12.89
C LYS E 132 -37.03 7.16 -12.25
N PHE E 133 -36.15 8.13 -12.54
CA PHE E 133 -34.76 8.11 -12.07
C PHE E 133 -34.49 9.25 -11.11
N GLY E 134 -33.48 9.06 -10.28
CA GLY E 134 -33.10 10.08 -9.30
C GLY E 134 -32.77 9.50 -7.96
N TYR E 135 -32.02 10.26 -7.17
CA TYR E 135 -31.64 9.87 -5.81
C TYR E 135 -32.85 9.77 -4.91
N SER E 136 -33.71 10.78 -5.00
CA SER E 136 -34.95 10.84 -4.22
C SER E 136 -35.87 9.63 -4.50
N VAL E 137 -35.95 9.27 -5.79
CA VAL E 137 -36.70 8.08 -6.19
C VAL E 137 -36.11 6.88 -5.49
N GLN E 138 -34.79 6.75 -5.55
CA GLN E 138 -34.07 5.66 -4.90
C GLN E 138 -34.36 5.60 -3.38
N LYS E 139 -34.37 6.75 -2.69
CA LYS E 139 -34.76 6.81 -1.28
C LYS E 139 -36.15 6.20 -1.13
N GLU E 140 -37.12 6.71 -1.89
CA GLU E 140 -38.49 6.14 -1.86
C GLU E 140 -38.51 4.60 -1.95
N ILE E 141 -37.93 4.04 -3.01
CA ILE E 141 -37.89 2.58 -3.20
C ILE E 141 -37.17 1.87 -2.03
N TRP E 142 -36.15 2.50 -1.45
CA TRP E 142 -35.39 1.91 -0.33
C TRP E 142 -36.22 1.89 0.93
N VAL E 143 -36.88 3.01 1.20
CA VAL E 143 -37.80 3.10 2.32
C VAL E 143 -38.97 2.11 2.14
N GLN E 144 -39.55 2.07 0.95
CA GLN E 144 -40.63 1.13 0.66
C GLN E 144 -40.21 -0.32 0.88
N ASN E 145 -38.94 -0.65 0.66
CA ASN E 145 -38.41 -1.98 1.01
C ASN E 145 -37.82 -2.09 2.44
N GLN E 146 -38.37 -1.31 3.38
CA GLN E 146 -38.05 -1.38 4.82
C GLN E 146 -36.54 -1.23 5.10
N LYS E 147 -35.91 -0.31 4.36
CA LYS E 147 -34.45 -0.09 4.38
C LYS E 147 -33.58 -1.35 4.19
N ARG E 148 -34.16 -2.40 3.63
CA ARG E 148 -33.54 -3.73 3.58
C ARG E 148 -32.81 -3.84 2.24
N TRP E 149 -31.49 -3.73 2.29
CA TRP E 149 -30.65 -3.54 1.07
C TRP E 149 -30.84 -4.50 -0.12
N PRO E 150 -30.63 -5.82 0.09
CA PRO E 150 -30.76 -6.72 -1.06
C PRO E 150 -32.19 -6.84 -1.65
N LYS E 151 -33.22 -6.62 -0.85
CA LYS E 151 -34.58 -6.43 -1.33
C LYS E 151 -34.61 -5.29 -2.37
N PHE E 152 -34.16 -4.13 -1.92
CA PHE E 152 -34.02 -2.91 -2.72
C PHE E 152 -33.20 -3.12 -4.01
N PHE E 153 -32.00 -3.68 -3.89
CA PHE E 153 -31.12 -3.96 -5.05
C PHE E 153 -31.80 -4.82 -6.14
N LYS E 154 -32.62 -5.76 -5.68
CA LYS E 154 -33.48 -6.56 -6.55
C LYS E 154 -34.60 -5.74 -7.18
N GLN E 155 -35.28 -4.90 -6.39
CA GLN E 155 -36.34 -4.04 -6.93
C GLN E 155 -35.82 -2.99 -7.94
N ILE E 156 -34.53 -2.68 -7.88
CA ILE E 156 -33.91 -1.68 -8.73
C ILE E 156 -33.24 -2.35 -9.94
N ASP E 157 -33.31 -3.67 -10.03
CA ASP E 157 -32.78 -4.44 -11.17
C ASP E 157 -31.25 -4.31 -11.32
N TRP E 158 -30.58 -4.20 -10.16
CA TRP E 158 -29.12 -4.24 -10.10
C TRP E 158 -28.59 -5.65 -9.91
N THR E 159 -29.47 -6.66 -9.90
CA THR E 159 -29.09 -8.05 -9.58
C THR E 159 -29.33 -9.08 -10.70
N ASN E 165 -27.38 -12.47 -8.70
CA ASN E 165 -26.70 -12.30 -9.98
C ASN E 165 -25.63 -11.18 -9.92
N TYR E 166 -26.09 -9.98 -9.56
CA TYR E 166 -25.32 -8.71 -9.55
C TYR E 166 -24.81 -8.19 -10.90
N ARG E 167 -25.63 -7.35 -11.54
CA ARG E 167 -25.30 -6.67 -12.81
C ARG E 167 -23.84 -6.07 -12.93
N LYS E 168 -23.06 -6.55 -13.91
CA LYS E 168 -21.68 -6.11 -14.12
C LYS E 168 -21.60 -4.76 -14.83
N TRP E 169 -20.76 -3.84 -14.33
CA TRP E 169 -20.65 -2.48 -14.90
C TRP E 169 -19.54 -2.43 -15.95
N PRO E 170 -19.69 -1.67 -17.04
CA PRO E 170 -20.90 -0.92 -17.41
C PRO E 170 -21.76 -1.58 -18.50
N MET E 171 -21.30 -2.71 -19.06
CA MET E 171 -22.00 -3.36 -20.19
C MET E 171 -23.38 -3.92 -19.79
N GLU E 172 -23.48 -4.43 -18.56
CA GLU E 172 -24.66 -5.18 -18.13
C GLU E 172 -25.81 -4.33 -17.54
N PHE E 173 -25.60 -3.02 -17.40
CA PHE E 173 -26.64 -2.12 -16.87
C PHE E 173 -27.51 -1.56 -17.99
N ILE E 174 -28.73 -1.17 -17.62
CA ILE E 174 -29.73 -0.57 -18.53
C ILE E 174 -29.73 0.96 -18.52
N TYR E 175 -29.20 1.57 -19.57
CA TYR E 175 -29.12 3.01 -19.70
C TYR E 175 -30.18 3.50 -20.69
N SER E 176 -31.44 3.46 -20.25
CA SER E 176 -32.58 3.88 -21.08
C SER E 176 -33.87 4.06 -20.28
N MET E 177 -34.87 4.64 -20.93
CA MET E 177 -36.20 4.77 -20.36
C MET E 177 -36.92 3.44 -20.13
N ASP E 178 -36.46 2.37 -20.78
CA ASP E 178 -36.93 1.01 -20.48
C ASP E 178 -36.48 0.48 -19.10
N ALA E 179 -35.53 1.15 -18.44
CA ALA E 179 -35.08 0.71 -17.10
C ALA E 179 -36.17 0.90 -16.04
N PRO E 180 -36.17 0.06 -14.98
CA PRO E 180 -37.10 0.23 -13.84
C PRO E 180 -36.95 1.53 -13.05
N ARG E 181 -38.02 1.94 -12.38
CA ARG E 181 -37.99 3.13 -11.53
C ARG E 181 -36.88 2.94 -10.52
N GLY E 182 -36.00 3.92 -10.41
CA GLY E 182 -34.90 3.89 -9.43
C GLY E 182 -33.63 3.22 -9.91
N HIS E 183 -33.63 2.68 -11.13
CA HIS E 183 -32.44 2.04 -11.69
C HIS E 183 -31.23 2.97 -11.82
N LEU E 184 -31.47 4.25 -12.06
CA LEU E 184 -30.40 5.24 -12.23
C LEU E 184 -30.62 6.44 -11.32
N PRO E 185 -29.55 7.14 -10.94
CA PRO E 185 -28.15 6.85 -11.34
C PRO E 185 -27.53 5.78 -10.45
N LEU E 186 -26.24 5.48 -10.64
CA LEU E 186 -25.53 4.47 -9.86
C LEU E 186 -24.65 5.09 -8.77
N THR E 187 -24.05 4.24 -7.93
CA THR E 187 -23.26 4.69 -6.76
C THR E 187 -22.23 3.69 -6.12
N ASN E 188 -21.11 3.39 -6.81
CA ASN E 188 -20.19 2.27 -6.52
C ASN E 188 -20.21 1.31 -7.69
N THR E 193 -21.39 0.03 0.73
CA THR E 193 -22.80 0.46 0.65
C THR E 193 -23.16 1.65 1.52
N GLN E 194 -22.32 1.97 2.52
CA GLN E 194 -22.48 3.14 3.39
C GLN E 194 -22.59 4.44 2.59
N LEU E 195 -21.83 4.51 1.50
CA LEU E 195 -21.85 5.65 0.60
C LEU E 195 -23.25 5.96 0.14
N PHE E 196 -23.81 5.02 -0.60
CA PHE E 196 -25.12 5.18 -1.21
C PHE E 196 -26.16 5.51 -0.13
N GLN E 197 -26.05 4.88 1.04
CA GLN E 197 -26.90 5.21 2.19
C GLN E 197 -26.83 6.68 2.53
N ALA E 198 -25.61 7.15 2.72
CA ALA E 198 -25.36 8.53 3.10
C ALA E 198 -26.02 9.51 2.15
N ILE E 199 -25.95 9.19 0.87
CA ILE E 199 -26.63 9.97 -0.15
C ILE E 199 -28.10 10.09 0.21
N MET E 200 -28.78 8.97 0.39
CA MET E 200 -30.26 8.98 0.54
C MET E 200 -30.69 9.56 1.89
N GLU E 201 -29.94 9.21 2.93
CA GLU E 201 -30.12 9.83 4.23
C GLU E 201 -29.80 11.34 4.21
N HIS E 202 -29.04 11.81 3.21
CA HIS E 202 -28.76 13.26 3.01
C HIS E 202 -30.03 14.10 3.08
N PRO E 203 -29.94 15.32 3.63
CA PRO E 203 -31.12 16.16 3.78
C PRO E 203 -31.75 16.74 2.52
N ALA E 204 -31.19 16.47 1.35
CA ALA E 204 -31.66 17.10 0.12
C ALA E 204 -32.97 16.42 -0.26
N PHE E 205 -33.12 15.16 0.16
CA PHE E 205 -34.32 14.39 -0.08
C PHE E 205 -35.15 14.13 1.18
N GLU E 206 -34.48 14.10 2.35
CA GLU E 206 -35.10 13.80 3.65
C GLU E 206 -35.17 15.04 4.57
N GLU F 53 11.48 -3.17 31.69
CA GLU F 53 11.93 -3.57 33.09
C GLU F 53 11.11 -2.77 34.09
N ALA F 54 11.26 -1.46 33.99
CA ALA F 54 10.41 -0.51 34.71
C ALA F 54 8.95 -0.64 34.29
N VAL F 55 8.73 -0.89 33.00
CA VAL F 55 7.40 -1.04 32.45
C VAL F 55 6.70 -2.22 33.09
N MET F 56 7.48 -3.26 33.41
CA MET F 56 6.94 -4.47 34.01
C MET F 56 6.50 -4.30 35.46
N GLU F 57 7.20 -3.43 36.21
CA GLU F 57 6.90 -3.18 37.61
C GLU F 57 5.51 -2.56 37.81
N VAL F 58 5.01 -1.81 36.82
CA VAL F 58 3.75 -1.03 36.95
C VAL F 58 2.52 -1.93 37.17
N GLN F 59 1.66 -1.56 38.12
CA GLN F 59 0.42 -2.30 38.42
C GLN F 59 -0.63 -1.87 37.40
N LEU F 60 -1.32 -2.85 36.83
CA LEU F 60 -2.16 -2.65 35.64
C LEU F 60 -3.61 -2.71 36.06
N SER F 61 -4.19 -1.54 36.33
CA SER F 61 -5.53 -1.49 36.93
C SER F 61 -6.48 -0.63 36.11
N SER F 62 -7.76 -0.98 36.21
CA SER F 62 -8.80 -0.45 35.35
C SER F 62 -10.12 -0.47 36.10
N THR F 63 -10.93 0.58 35.94
CA THR F 63 -12.32 0.55 36.36
C THR F 63 -13.22 -0.17 35.34
N ALA F 64 -12.77 -0.35 34.09
CA ALA F 64 -13.64 -0.81 33.00
C ALA F 64 -13.18 -2.12 32.35
N GLY F 65 -12.49 -2.98 33.10
CA GLY F 65 -12.08 -4.32 32.63
C GLY F 65 -11.17 -4.33 31.41
N ILE F 66 -10.31 -3.33 31.34
CA ILE F 66 -9.48 -3.13 30.17
C ILE F 66 -8.13 -3.79 30.39
N ASP F 67 -7.72 -4.60 29.40
CA ASP F 67 -6.53 -5.42 29.47
C ASP F 67 -5.33 -4.71 28.83
N TYR F 68 -4.52 -4.08 29.69
CA TYR F 68 -3.40 -3.25 29.22
C TYR F 68 -2.15 -4.04 28.81
N THR F 69 -2.20 -5.37 28.91
CA THR F 69 -1.02 -6.21 28.62
C THR F 69 -0.41 -5.96 27.25
N VAL F 70 -1.24 -5.75 26.24
CA VAL F 70 -0.75 -5.66 24.89
C VAL F 70 0.11 -4.44 24.76
N LEU F 71 -0.44 -3.33 25.21
CA LEU F 71 0.27 -2.08 25.31
C LEU F 71 1.52 -2.27 26.12
N ARG F 72 1.37 -2.82 27.31
CA ARG F 72 2.51 -3.03 28.21
C ARG F 72 3.62 -3.78 27.49
N ASP F 73 3.26 -4.82 26.77
CA ASP F 73 4.24 -5.67 26.11
C ASP F 73 4.91 -4.91 25.00
N HIS F 74 4.16 -4.09 24.28
CA HIS F 74 4.75 -3.23 23.26
C HIS F 74 5.71 -2.25 23.91
N LEU F 75 5.21 -1.56 24.93
CA LEU F 75 5.99 -0.50 25.57
C LEU F 75 7.28 -1.03 26.18
N ALA F 76 7.19 -2.22 26.76
CA ALA F 76 8.33 -2.85 27.40
C ALA F 76 9.38 -3.15 26.37
N ASN F 77 8.97 -3.83 25.31
CA ASN F 77 9.89 -4.26 24.26
C ASN F 77 10.36 -3.09 23.34
N GLY F 78 9.82 -1.89 23.56
CA GLY F 78 10.30 -0.68 22.87
C GLY F 78 9.63 -0.45 21.54
N GLU F 79 8.35 -0.81 21.47
CA GLU F 79 7.61 -0.91 20.23
C GLU F 79 6.60 0.26 20.23
N PHE F 80 7.16 1.47 20.19
CA PHE F 80 6.39 2.68 20.44
C PHE F 80 5.30 2.94 19.42
N ARG F 81 5.57 2.68 18.16
CA ARG F 81 4.58 2.88 17.09
C ARG F 81 3.33 2.07 17.39
N GLU F 82 3.53 0.79 17.70
CA GLU F 82 2.40 -0.11 18.01
C GLU F 82 1.71 0.29 19.30
N ALA F 83 2.52 0.74 20.27
CA ALA F 83 2.01 1.17 21.57
C ALA F 83 1.13 2.38 21.44
N GLU F 84 1.52 3.29 20.56
CA GLU F 84 0.73 4.46 20.28
C GLU F 84 -0.62 4.04 19.71
N ASP F 85 -0.58 3.19 18.69
CA ASP F 85 -1.81 2.65 18.11
C ASP F 85 -2.70 1.97 19.14
N GLU F 86 -2.10 1.15 19.98
CA GLU F 86 -2.85 0.50 21.06
C GLU F 86 -3.48 1.55 21.97
N THR F 87 -2.67 2.47 22.46
CA THR F 87 -3.15 3.56 23.29
C THR F 87 -4.42 4.19 22.71
N ARG F 88 -4.39 4.58 21.44
CA ARG F 88 -5.54 5.24 20.80
C ARG F 88 -6.78 4.34 20.88
N ALA F 89 -6.59 3.06 20.52
CA ALA F 89 -7.66 2.07 20.55
C ALA F 89 -8.30 1.92 21.91
N LEU F 90 -7.49 1.98 22.95
CA LEU F 90 -8.01 1.84 24.32
C LEU F 90 -8.82 3.07 24.70
N LEU F 91 -8.27 4.25 24.41
CA LEU F 91 -8.95 5.52 24.68
C LEU F 91 -10.32 5.49 24.04
N ILE F 92 -10.42 4.88 22.86
CA ILE F 92 -11.72 4.72 22.19
C ILE F 92 -12.65 3.81 23.01
N LYS F 93 -12.19 2.60 23.28
CA LYS F 93 -12.92 1.64 24.07
C LYS F 93 -13.37 2.25 25.39
N LEU F 94 -12.45 2.94 26.05
CA LEU F 94 -12.69 3.62 27.34
C LEU F 94 -13.78 4.68 27.29
N ALA F 95 -13.90 5.35 26.14
CA ALA F 95 -14.85 6.45 26.00
C ALA F 95 -16.29 5.97 25.85
N GLY F 96 -16.48 4.65 25.73
CA GLY F 96 -17.81 4.08 25.76
C GLY F 96 -18.31 3.75 24.37
N PRO F 97 -19.48 3.09 24.31
CA PRO F 97 -19.98 2.43 23.12
C PRO F 97 -20.18 3.32 21.89
N GLU F 98 -20.70 4.53 22.10
CA GLU F 98 -20.90 5.46 20.97
C GLU F 98 -19.56 5.76 20.32
N ALA F 99 -18.56 6.03 21.17
CA ALA F 99 -17.20 6.32 20.71
C ALA F 99 -16.65 5.19 19.85
N VAL F 100 -16.89 3.96 20.30
CA VAL F 100 -16.38 2.77 19.61
C VAL F 100 -17.03 2.57 18.28
N LYS F 101 -18.35 2.80 18.26
CA LYS F 101 -19.17 2.60 17.07
C LYS F 101 -18.64 3.43 15.91
N ARG F 102 -18.42 4.70 16.17
CA ARG F 102 -17.87 5.61 15.16
C ARG F 102 -16.34 5.61 15.09
N ASN F 103 -15.67 5.20 16.16
CA ASN F 103 -14.23 4.92 16.16
C ASN F 103 -13.27 6.13 16.29
N TRP F 104 -13.78 7.31 16.65
CA TRP F 104 -12.92 8.36 17.25
C TRP F 104 -13.61 8.81 18.53
N VAL F 105 -13.03 9.79 19.20
CA VAL F 105 -13.54 10.26 20.48
C VAL F 105 -13.93 11.73 20.40
N TYR F 106 -15.08 12.08 20.99
CA TYR F 106 -15.48 13.46 21.10
C TYR F 106 -14.99 13.97 22.44
N PHE F 107 -14.44 15.18 22.44
CA PHE F 107 -13.87 15.80 23.64
C PHE F 107 -14.76 15.69 24.88
N THR F 108 -16.07 15.79 24.65
CA THR F 108 -17.10 15.57 25.68
C THR F 108 -16.98 14.25 26.44
N GLU F 109 -16.63 13.21 25.71
CA GLU F 109 -16.58 11.86 26.27
C GLU F 109 -15.40 11.57 27.16
N VAL F 110 -14.38 12.40 27.14
CA VAL F 110 -13.22 12.20 28.03
C VAL F 110 -13.66 12.18 29.49
N LYS F 111 -14.64 13.03 29.82
CA LYS F 111 -15.35 12.99 31.12
C LYS F 111 -15.65 11.57 31.60
N ASN F 112 -16.13 10.74 30.67
CA ASN F 112 -16.46 9.32 30.91
C ASN F 112 -15.28 8.41 31.32
N ILE F 113 -14.06 8.72 30.89
CA ILE F 113 -12.89 7.91 31.19
C ILE F 113 -12.44 8.13 32.64
N SER F 114 -12.14 7.03 33.32
CA SER F 114 -11.86 7.09 34.75
C SER F 114 -10.45 7.56 35.01
N VAL F 115 -10.26 8.04 36.23
CA VAL F 115 -8.96 8.47 36.72
C VAL F 115 -7.97 7.30 36.59
N THR F 116 -8.39 6.15 37.13
CA THR F 116 -7.49 4.99 37.25
C THR F 116 -6.93 4.60 35.88
N ASP F 117 -7.83 4.50 34.90
CA ASP F 117 -7.50 4.04 33.57
C ASP F 117 -6.49 4.97 32.95
N PHE F 118 -6.77 6.26 33.02
CA PHE F 118 -5.82 7.28 32.55
C PHE F 118 -4.48 7.21 33.26
N GLN F 119 -4.53 7.17 34.58
CA GLN F 119 -3.32 7.03 35.36
C GLN F 119 -2.51 5.82 34.94
N THR F 120 -3.19 4.71 34.66
CA THR F 120 -2.51 3.48 34.24
C THR F 120 -1.75 3.73 32.94
N LEU F 121 -2.44 4.29 31.96
CA LEU F 121 -1.82 4.60 30.67
C LEU F 121 -0.59 5.45 30.87
N ASP F 122 -0.79 6.53 31.62
CA ASP F 122 0.25 7.51 31.89
C ASP F 122 1.44 6.89 32.61
N ASN F 123 1.15 6.12 33.67
CA ASN F 123 2.18 5.34 34.38
C ASN F 123 3.03 4.48 33.44
N LEU F 124 2.39 3.74 32.54
CA LEU F 124 3.08 2.92 31.56
C LEU F 124 3.92 3.75 30.58
N TRP F 125 3.33 4.78 30.01
CA TRP F 125 4.07 5.62 29.08
C TRP F 125 5.26 6.30 29.77
N LYS F 126 5.03 6.77 30.99
CA LYS F 126 6.08 7.36 31.81
C LYS F 126 7.14 6.31 32.10
N ALA F 127 6.71 5.11 32.48
CA ALA F 127 7.62 3.99 32.78
C ALA F 127 8.49 3.56 31.60
N SER F 128 7.93 3.57 30.40
CA SER F 128 8.63 3.12 29.22
C SER F 128 9.65 4.12 28.70
N SER F 129 9.69 5.32 29.27
CA SER F 129 10.35 6.45 28.63
C SER F 129 11.31 7.24 29.51
N ASN F 130 11.78 6.66 30.63
CA ASN F 130 12.51 7.41 31.67
C ASN F 130 11.75 8.67 32.07
N ASN F 131 10.43 8.53 32.18
CA ASN F 131 9.50 9.63 32.43
C ASN F 131 9.53 10.80 31.40
N LYS F 132 9.95 10.52 30.16
CA LYS F 132 9.89 11.50 29.04
C LYS F 132 8.51 11.57 28.34
N PHE F 133 7.74 10.47 28.37
CA PHE F 133 6.45 10.38 27.69
C PHE F 133 5.30 10.21 28.67
N GLY F 134 4.11 10.61 28.23
CA GLY F 134 2.92 10.54 29.07
C GLY F 134 2.04 11.76 28.95
N TYR F 135 0.78 11.58 29.31
CA TYR F 135 -0.19 12.66 29.28
C TYR F 135 0.17 13.71 30.30
N SER F 136 0.54 13.26 31.50
CA SER F 136 0.93 14.16 32.60
C SER F 136 2.13 15.02 32.22
N VAL F 137 3.09 14.40 31.55
CA VAL F 137 4.24 15.11 31.06
C VAL F 137 3.74 16.20 30.14
N GLN F 138 2.88 15.84 29.21
CA GLN F 138 2.32 16.81 28.26
C GLN F 138 1.62 17.98 28.94
N LYS F 139 0.84 17.70 29.99
CA LYS F 139 0.23 18.77 30.78
C LYS F 139 1.34 19.70 31.26
N GLU F 140 2.35 19.13 31.96
CA GLU F 140 3.51 19.95 32.46
C GLU F 140 4.06 20.88 31.35
N ILE F 141 4.47 20.31 30.22
CA ILE F 141 4.99 21.11 29.09
C ILE F 141 3.98 22.16 28.56
N TRP F 142 2.69 21.85 28.57
CA TRP F 142 1.64 22.79 28.14
C TRP F 142 1.49 23.94 29.11
N VAL F 143 1.44 23.60 30.39
CA VAL F 143 1.37 24.62 31.45
C VAL F 143 2.63 25.50 31.43
N GLN F 144 3.80 24.87 31.31
CA GLN F 144 5.06 25.63 31.22
C GLN F 144 5.08 26.59 30.03
N ASN F 145 4.42 26.24 28.92
CA ASN F 145 4.22 27.18 27.77
C ASN F 145 2.95 28.06 27.87
N GLN F 146 2.51 28.37 29.11
CA GLN F 146 1.42 29.34 29.36
C GLN F 146 0.11 28.97 28.66
N LYS F 147 -0.20 27.66 28.65
CA LYS F 147 -1.34 27.06 27.90
C LYS F 147 -1.44 27.51 26.43
N ARG F 148 -0.33 27.98 25.86
CA ARG F 148 -0.31 28.61 24.53
C ARG F 148 0.04 27.54 23.49
N TRP F 149 -0.98 27.09 22.75
CA TRP F 149 -0.89 25.85 21.93
C TRP F 149 0.32 25.72 20.99
N PRO F 150 0.52 26.68 20.08
CA PRO F 150 1.57 26.47 19.08
C PRO F 150 2.98 26.55 19.66
N LYS F 151 3.17 27.30 20.78
CA LYS F 151 4.40 27.25 21.56
C LYS F 151 4.66 25.79 21.98
N PHE F 152 3.67 25.23 22.65
CA PHE F 152 3.66 23.82 23.09
C PHE F 152 3.93 22.81 21.97
N PHE F 153 3.17 22.88 20.87
CA PHE F 153 3.37 21.96 19.72
C PHE F 153 4.79 21.99 19.17
N LYS F 154 5.41 23.17 19.20
CA LYS F 154 6.81 23.34 18.84
C LYS F 154 7.73 22.69 19.87
N GLN F 155 7.46 22.90 21.16
CA GLN F 155 8.28 22.30 22.24
C GLN F 155 8.18 20.76 22.25
N ILE F 156 7.10 20.21 21.70
CA ILE F 156 6.88 18.77 21.65
C ILE F 156 7.37 18.16 20.32
N ASP F 157 7.89 18.99 19.41
CA ASP F 157 8.43 18.54 18.11
C ASP F 157 7.38 17.92 17.20
N TRP F 158 6.15 18.43 17.30
CA TRP F 158 5.07 18.05 16.41
C TRP F 158 5.03 18.98 15.22
N ARG F 167 5.88 15.88 11.47
CA ARG F 167 4.64 16.60 11.41
C ARG F 167 3.48 15.71 10.88
N LYS F 168 3.66 15.11 9.70
CA LYS F 168 2.63 14.27 9.08
C LYS F 168 2.56 12.88 9.72
N TRP F 169 1.35 12.39 10.05
CA TRP F 169 1.16 11.07 10.69
C TRP F 169 0.90 9.96 9.66
N PRO F 170 1.39 8.74 9.87
CA PRO F 170 2.39 8.37 10.89
C PRO F 170 3.73 8.57 10.19
N MET F 171 4.79 7.79 10.30
CA MET F 171 5.84 8.06 9.31
C MET F 171 6.68 9.34 9.62
N GLU F 172 6.10 10.55 9.70
CA GLU F 172 6.88 11.77 10.02
C GLU F 172 7.13 11.96 11.51
N PHE F 173 6.52 11.13 12.35
CA PHE F 173 6.71 11.21 13.80
C PHE F 173 7.90 10.35 14.28
N ILE F 174 8.43 10.72 15.45
CA ILE F 174 9.52 9.99 16.16
C ILE F 174 9.00 9.01 17.23
N TYR F 175 9.04 7.72 16.92
CA TYR F 175 8.59 6.66 17.83
C TYR F 175 9.81 5.97 18.45
N SER F 176 10.47 6.68 19.37
CA SER F 176 11.68 6.16 20.05
C SER F 176 12.07 6.99 21.26
N MET F 177 13.01 6.46 22.05
CA MET F 177 13.56 7.18 23.18
C MET F 177 14.37 8.43 22.80
N ASP F 178 14.77 8.54 21.53
CA ASP F 178 15.36 9.79 20.99
C ASP F 178 14.36 10.95 20.86
N ALA F 179 13.05 10.69 20.96
CA ALA F 179 12.05 11.76 20.88
C ALA F 179 12.13 12.71 22.10
N PRO F 180 11.75 13.99 21.91
CA PRO F 180 11.72 14.93 23.03
C PRO F 180 10.71 14.60 24.13
N ARG F 181 10.95 15.13 25.33
CA ARG F 181 10.02 14.95 26.46
C ARG F 181 8.64 15.48 26.03
N GLY F 182 7.62 14.65 26.21
CA GLY F 182 6.24 15.00 25.85
C GLY F 182 5.82 14.71 24.41
N HIS F 183 6.74 14.21 23.60
CA HIS F 183 6.44 13.90 22.20
C HIS F 183 5.34 12.83 22.06
N LEU F 184 5.26 11.88 23.00
CA LEU F 184 4.28 10.80 22.95
C LEU F 184 3.50 10.69 24.26
N PRO F 185 2.29 10.13 24.23
CA PRO F 185 1.59 9.68 23.03
C PRO F 185 0.91 10.82 22.24
N LEU F 186 0.20 10.48 21.16
CA LEU F 186 -0.46 11.47 20.29
C LEU F 186 -1.95 11.56 20.58
N THR F 187 -2.62 12.53 19.94
CA THR F 187 -4.04 12.80 20.17
C THR F 187 -4.80 13.60 19.05
N ASN F 188 -4.98 13.01 17.86
CA ASN F 188 -5.24 13.76 16.60
C ASN F 188 -5.21 15.32 16.66
N GLY F 192 -9.70 19.12 15.96
CA GLY F 192 -10.38 19.01 17.24
C GLY F 192 -9.94 20.09 18.27
N THR F 193 -8.69 19.89 18.65
CA THR F 193 -7.91 20.52 19.68
C THR F 193 -8.44 20.50 21.12
N GLN F 194 -9.75 20.71 21.24
CA GLN F 194 -10.47 20.57 22.47
C GLN F 194 -10.32 19.19 23.11
N LEU F 195 -10.23 18.14 22.28
CA LEU F 195 -9.98 16.78 22.74
C LEU F 195 -8.76 16.69 23.63
N PHE F 196 -7.60 16.96 23.03
CA PHE F 196 -6.33 16.88 23.72
C PHE F 196 -6.34 17.72 25.00
N GLN F 197 -6.94 18.91 24.92
CA GLN F 197 -7.11 19.75 26.10
C GLN F 197 -7.82 18.99 27.21
N ALA F 198 -8.97 18.43 26.87
CA ALA F 198 -9.83 17.72 27.83
C ALA F 198 -9.08 16.64 28.56
N ILE F 199 -8.23 15.96 27.81
CA ILE F 199 -7.37 14.97 28.39
C ILE F 199 -6.55 15.60 29.52
N MET F 200 -5.82 16.68 29.22
CA MET F 200 -4.84 17.22 30.18
C MET F 200 -5.54 17.91 31.33
N GLU F 201 -6.62 18.61 31.01
CA GLU F 201 -7.49 19.18 32.04
C GLU F 201 -8.16 18.09 32.90
N HIS F 202 -8.25 16.84 32.40
CA HIS F 202 -8.75 15.68 33.17
C HIS F 202 -8.11 15.54 34.54
N PRO F 203 -8.87 15.01 35.53
CA PRO F 203 -8.30 15.02 36.89
C PRO F 203 -7.09 14.09 37.16
N ALA F 204 -6.37 13.60 36.15
CA ALA F 204 -5.01 13.08 36.28
C ALA F 204 -3.92 13.59 35.31
#